data_7EIH
#
_entry.id   7EIH
#
_cell.length_a   89.441
_cell.length_b   80.462
_cell.length_c   173.800
_cell.angle_alpha   90.000
_cell.angle_beta   90.000
_cell.angle_gamma   90.000
#
_symmetry.space_group_name_H-M   'P 21 21 21'
#
loop_
_entity.id
_entity.type
_entity.pdbx_description
1 polymer 'FAD dependent enzyme'
2 non-polymer 'FLAVIN-ADENINE DINUCLEOTIDE'
3 non-polymer 'SULFATE ION'
4 water water
#
_entity_poly.entity_id   1
_entity_poly.type   'polypeptide(L)'
_entity_poly.pdbx_seq_one_letter_code
;MGNKNTPLNSGKHPDLKIEVAIIGAGTSGLYTAYRLVTDKKFKAHDVQIFDMNNKLGGRLESVIMPGMNFWGELGGMRYL
TSQQIVTTLIEGYPLSEKDPNKRTPVLKDKMTPVPFPMGDPSKLLMYLRKERFKQNAWNEAQKKGEKLPTRYYLNENDLG
FSSDQLFNKIIYDVLMADPWVAETYGSKIIKGSSVYDYSFKLTSRDWDDIKPKLVYNFPNSPYDQRKVNDIGFWNLIKDQ
VSQEGYEFLANAGGYYSNTINWNSAEAFPYMVGDFSAGTIYKTIEEGYDSIAYAVANSYMEHEGACIWSENKLLTFTKDH
PLTNTHKYELTFLNLKTNTQWKVYANSIVLAMPRKSLELLDQNNFFFNINKNSVLNNNIRSVIMEPAFKILMGFEYPWWK
ELGIDSGHSITDLPMRQCYYFGTDPETNNSMLLGSYGDMETETFWKALSDDKVLFEVKAAKSASLRELHQLDDVQATKLM
VGELMNQLRELHGDTVTIPEPYVTYFKDWTDEPFGAGYHAWKAGFSVENVMPYMRKPLTDEQIHICGEAYSDQQGWVEGA
FCEAEKMLQEYFGLDRPYWLSPDYYLGWEHHHHHH
;
_entity_poly.pdbx_strand_id   A,B
#
# COMPACT_ATOMS: atom_id res chain seq x y z
N GLY A 2 -0.82 -34.71 -22.76
CA GLY A 2 0.03 -34.88 -21.54
C GLY A 2 -0.77 -34.62 -20.27
N ASN A 3 -0.08 -34.53 -19.14
CA ASN A 3 -0.70 -34.51 -17.79
C ASN A 3 -1.37 -33.17 -17.46
N LYS A 4 -1.08 -32.09 -18.19
CA LYS A 4 -1.60 -30.73 -17.88
C LYS A 4 -2.81 -30.40 -18.76
N ASN A 5 -3.36 -31.37 -19.50
CA ASN A 5 -4.61 -31.18 -20.28
C ASN A 5 -5.82 -31.65 -19.46
N THR A 6 -5.74 -31.60 -18.13
CA THR A 6 -6.90 -31.91 -17.25
C THR A 6 -8.13 -31.21 -17.83
N PRO A 7 -9.26 -31.93 -18.15
CA PRO A 7 -10.46 -31.27 -18.66
C PRO A 7 -11.03 -30.22 -17.70
N LEU A 8 -11.44 -29.10 -18.30
CA LEU A 8 -12.04 -27.93 -17.63
C LEU A 8 -13.37 -27.62 -18.33
N ASN A 9 -14.43 -27.50 -17.54
CA ASN A 9 -15.77 -27.23 -18.05
C ASN A 9 -16.10 -25.74 -17.87
N SER A 10 -16.02 -24.96 -18.96
CA SER A 10 -16.41 -23.52 -19.07
C SER A 10 -17.92 -23.38 -19.24
N GLY A 11 -18.64 -24.49 -19.36
CA GLY A 11 -20.10 -24.50 -19.49
C GLY A 11 -20.78 -24.29 -18.15
N LYS A 12 -22.07 -24.63 -18.10
CA LYS A 12 -22.89 -24.58 -16.87
C LYS A 12 -23.87 -25.74 -16.86
N HIS A 13 -24.40 -26.05 -15.68
CA HIS A 13 -25.47 -27.04 -15.42
C HIS A 13 -26.46 -26.39 -14.47
N PRO A 14 -27.42 -25.57 -14.97
CA PRO A 14 -28.37 -24.88 -14.12
C PRO A 14 -29.00 -25.85 -13.11
N ASP A 15 -29.03 -25.43 -11.84
CA ASP A 15 -29.72 -26.12 -10.72
C ASP A 15 -29.01 -27.43 -10.39
N LEU A 16 -27.71 -27.54 -10.70
CA LEU A 16 -26.83 -28.66 -10.24
C LEU A 16 -27.02 -28.86 -8.72
N LYS A 17 -27.26 -30.10 -8.30
CA LYS A 17 -27.45 -30.50 -6.88
C LYS A 17 -26.29 -31.43 -6.49
N ILE A 18 -25.52 -31.03 -5.48
CA ILE A 18 -24.32 -31.76 -5.01
C ILE A 18 -24.28 -31.66 -3.49
N GLU A 19 -23.26 -32.21 -2.85
CA GLU A 19 -23.11 -32.13 -1.37
C GLU A 19 -22.09 -31.04 -1.02
N VAL A 20 -20.94 -31.07 -1.71
CA VAL A 20 -19.77 -30.19 -1.37
C VAL A 20 -19.40 -29.36 -2.61
N ALA A 21 -19.63 -28.05 -2.51
CA ALA A 21 -19.15 -27.05 -3.49
C ALA A 21 -17.79 -26.55 -3.02
N ILE A 22 -16.74 -26.81 -3.79
CA ILE A 22 -15.36 -26.33 -3.55
C ILE A 22 -15.12 -25.17 -4.50
N ILE A 23 -14.95 -23.96 -3.96
CA ILE A 23 -14.69 -22.77 -4.79
C ILE A 23 -13.22 -22.43 -4.64
N GLY A 24 -12.52 -22.58 -5.77
CA GLY A 24 -11.07 -22.40 -5.92
C GLY A 24 -10.39 -23.71 -6.27
N ALA A 25 -9.86 -23.81 -7.48
CA ALA A 25 -9.05 -24.95 -7.99
C ALA A 25 -7.58 -24.61 -7.82
N GLY A 26 -7.22 -23.99 -6.69
CA GLY A 26 -5.83 -23.94 -6.20
C GLY A 26 -5.42 -25.23 -5.51
N THR A 27 -4.23 -25.25 -4.90
CA THR A 27 -3.69 -26.43 -4.20
C THR A 27 -4.70 -26.88 -3.11
N SER A 28 -5.21 -25.99 -2.27
CA SER A 28 -6.10 -26.44 -1.16
C SER A 28 -7.42 -27.00 -1.72
N GLY A 29 -8.03 -26.36 -2.71
CA GLY A 29 -9.30 -26.83 -3.28
C GLY A 29 -9.15 -28.21 -3.90
N LEU A 30 -8.18 -28.35 -4.80
CA LEU A 30 -7.84 -29.60 -5.51
C LEU A 30 -7.63 -30.72 -4.48
N TYR A 31 -6.87 -30.46 -3.42
CA TYR A 31 -6.56 -31.46 -2.38
C TYR A 31 -7.82 -31.84 -1.58
N THR A 32 -8.70 -30.89 -1.29
CA THR A 32 -9.98 -31.16 -0.60
C THR A 32 -10.79 -32.15 -1.47
N ALA A 33 -10.89 -31.88 -2.77
CA ALA A 33 -11.73 -32.68 -3.70
C ALA A 33 -11.12 -34.08 -3.75
N TYR A 34 -9.81 -34.15 -3.99
CA TYR A 34 -9.03 -35.41 -4.08
C TYR A 34 -9.30 -36.23 -2.81
N ARG A 35 -9.15 -35.65 -1.62
CA ARG A 35 -9.22 -36.42 -0.36
C ARG A 35 -10.66 -36.94 -0.15
N LEU A 36 -11.68 -36.10 -0.38
CA LEU A 36 -13.11 -36.41 -0.15
C LEU A 36 -13.54 -37.62 -0.99
N VAL A 37 -13.21 -37.64 -2.28
CA VAL A 37 -13.61 -38.73 -3.22
C VAL A 37 -12.73 -39.97 -3.00
N THR A 38 -11.41 -39.82 -2.77
CA THR A 38 -10.49 -40.98 -2.63
C THR A 38 -10.89 -41.81 -1.40
N ASP A 39 -11.36 -41.14 -0.35
CA ASP A 39 -11.75 -41.76 0.94
C ASP A 39 -13.24 -42.08 0.91
N LYS A 40 -13.89 -41.95 -0.24
CA LYS A 40 -15.30 -42.37 -0.44
C LYS A 40 -16.21 -41.66 0.57
N LYS A 41 -15.89 -40.43 0.95
CA LYS A 41 -16.76 -39.67 1.87
C LYS A 41 -17.98 -39.19 1.10
N PHE A 42 -17.82 -38.94 -0.20
CA PHE A 42 -18.93 -38.63 -1.14
C PHE A 42 -18.61 -39.26 -2.49
N LYS A 43 -19.64 -39.48 -3.30
CA LYS A 43 -19.43 -39.86 -4.72
C LYS A 43 -18.87 -38.64 -5.45
N ALA A 44 -17.99 -38.88 -6.43
CA ALA A 44 -17.34 -37.84 -7.26
C ALA A 44 -18.36 -36.81 -7.79
N HIS A 45 -19.56 -37.23 -8.23
CA HIS A 45 -20.57 -36.30 -8.79
C HIS A 45 -21.04 -35.31 -7.72
N ASP A 46 -20.93 -35.66 -6.43
CA ASP A 46 -21.43 -34.84 -5.29
C ASP A 46 -20.35 -33.89 -4.73
N VAL A 47 -19.12 -33.96 -5.24
CA VAL A 47 -17.99 -33.06 -4.86
C VAL A 47 -17.45 -32.44 -6.15
N GLN A 48 -17.75 -31.16 -6.35
CA GLN A 48 -17.41 -30.39 -7.56
C GLN A 48 -16.60 -29.15 -7.17
N ILE A 49 -15.61 -28.82 -8.01
CA ILE A 49 -14.72 -27.64 -7.89
C ILE A 49 -15.15 -26.63 -8.96
N PHE A 50 -15.17 -25.36 -8.57
CA PHE A 50 -15.52 -24.20 -9.40
C PHE A 50 -14.38 -23.20 -9.30
N ASP A 51 -13.97 -22.67 -10.46
CA ASP A 51 -12.92 -21.64 -10.52
C ASP A 51 -13.28 -20.62 -11.60
N MET A 52 -12.97 -19.35 -11.33
CA MET A 52 -13.22 -18.24 -12.28
C MET A 52 -12.09 -18.19 -13.32
N ASN A 53 -10.99 -18.89 -13.07
CA ASN A 53 -9.82 -18.86 -14.00
C ASN A 53 -10.08 -19.82 -15.15
N ASN A 54 -9.27 -19.72 -16.19
CA ASN A 54 -9.35 -20.61 -17.38
C ASN A 54 -8.30 -21.72 -17.24
N LYS A 55 -7.71 -21.84 -16.06
CA LYS A 55 -6.73 -22.92 -15.67
C LYS A 55 -6.95 -23.30 -14.21
N LEU A 56 -6.53 -24.51 -13.83
CA LEU A 56 -6.39 -24.90 -12.41
C LEU A 56 -4.99 -24.47 -11.93
N GLY A 57 -4.79 -24.46 -10.61
CA GLY A 57 -3.48 -24.30 -9.98
C GLY A 57 -3.32 -23.00 -9.22
N GLY A 58 -4.17 -22.01 -9.46
CA GLY A 58 -4.13 -20.71 -8.75
C GLY A 58 -2.73 -20.10 -8.81
N ARG A 59 -2.04 -20.01 -7.67
CA ARG A 59 -0.73 -19.33 -7.61
C ARG A 59 0.42 -20.27 -7.98
N LEU A 60 0.13 -21.49 -8.45
CA LEU A 60 1.07 -22.29 -9.27
C LEU A 60 0.70 -22.14 -10.75
N GLU A 61 1.64 -21.67 -11.57
CA GLU A 61 1.45 -21.50 -13.02
C GLU A 61 2.82 -21.61 -13.69
N SER A 62 3.07 -22.76 -14.32
CA SER A 62 4.32 -23.05 -15.06
C SER A 62 4.06 -22.76 -16.55
N VAL A 63 5.05 -22.25 -17.27
CA VAL A 63 4.93 -21.90 -18.71
C VAL A 63 6.20 -22.33 -19.45
N ILE A 64 6.02 -22.79 -20.69
CA ILE A 64 7.11 -23.04 -21.68
C ILE A 64 6.99 -21.94 -22.72
N MET A 65 8.03 -21.13 -22.85
CA MET A 65 8.08 -20.03 -23.84
C MET A 65 8.82 -20.48 -25.09
N PRO A 66 8.37 -20.07 -26.29
CA PRO A 66 8.96 -20.53 -27.55
C PRO A 66 10.48 -20.30 -27.55
N GLY A 67 11.22 -21.30 -28.04
CA GLY A 67 12.68 -21.24 -28.19
C GLY A 67 13.39 -21.85 -27.01
N MET A 68 12.66 -22.12 -25.92
CA MET A 68 13.25 -22.58 -24.61
C MET A 68 12.47 -23.80 -24.13
N ASN A 69 13.06 -24.99 -24.22
CA ASN A 69 12.39 -26.27 -23.87
C ASN A 69 12.68 -26.64 -22.41
N PHE A 70 12.10 -25.90 -21.48
CA PHE A 70 12.10 -26.13 -20.01
C PHE A 70 11.08 -25.16 -19.39
N TRP A 71 10.60 -25.47 -18.19
CA TRP A 71 9.46 -24.75 -17.56
C TRP A 71 9.97 -23.52 -16.82
N GLY A 72 9.41 -22.36 -17.18
CA GLY A 72 9.46 -21.14 -16.35
C GLY A 72 8.34 -21.19 -15.33
N GLU A 73 8.54 -20.53 -14.17
CA GLU A 73 7.54 -20.43 -13.09
C GLU A 73 7.06 -18.96 -12.97
N LEU A 74 5.76 -18.74 -13.18
CA LEU A 74 5.10 -17.43 -12.94
C LEU A 74 4.78 -17.31 -11.44
N GLY A 75 4.49 -18.41 -10.75
CA GLY A 75 4.12 -18.38 -9.32
C GLY A 75 5.12 -19.15 -8.49
N GLY A 76 4.66 -20.02 -7.59
CA GLY A 76 5.54 -20.90 -6.80
C GLY A 76 6.51 -21.71 -7.66
N MET A 77 7.68 -22.05 -7.11
CA MET A 77 8.78 -22.71 -7.86
C MET A 77 9.37 -23.92 -7.14
N ARG A 78 9.29 -24.01 -5.80
CA ARG A 78 10.12 -24.99 -5.05
C ARG A 78 9.41 -25.47 -3.80
N TYR A 79 9.86 -26.61 -3.27
CA TYR A 79 9.36 -27.15 -1.99
C TYR A 79 10.54 -27.56 -1.13
N LEU A 80 10.28 -27.76 0.16
CA LEU A 80 11.24 -28.31 1.16
C LEU A 80 10.80 -29.73 1.54
N THR A 81 11.74 -30.68 1.65
CA THR A 81 11.46 -32.11 1.91
C THR A 81 10.90 -32.31 3.33
N SER A 82 11.01 -31.31 4.21
CA SER A 82 10.36 -31.30 5.56
C SER A 82 8.87 -30.94 5.44
N GLN A 83 8.43 -30.41 4.31
CA GLN A 83 6.99 -30.16 4.03
C GLN A 83 6.41 -31.50 3.54
N GLN A 84 5.85 -32.30 4.44
CA GLN A 84 5.68 -33.76 4.20
C GLN A 84 4.49 -34.05 3.29
N ILE A 85 3.45 -33.20 3.26
CA ILE A 85 2.31 -33.45 2.32
C ILE A 85 2.80 -33.22 0.89
N VAL A 86 3.33 -32.04 0.58
CA VAL A 86 3.72 -31.78 -0.83
C VAL A 86 4.85 -32.75 -1.21
N THR A 87 5.76 -33.06 -0.29
CA THR A 87 6.93 -33.95 -0.58
C THR A 87 6.41 -35.38 -0.88
N THR A 88 5.54 -35.94 -0.06
CA THR A 88 5.04 -37.33 -0.26
C THR A 88 4.20 -37.39 -1.53
N LEU A 89 3.31 -36.43 -1.76
CA LEU A 89 2.46 -36.40 -2.97
C LEU A 89 3.32 -36.35 -4.23
N ILE A 90 4.47 -35.66 -4.19
CA ILE A 90 5.36 -35.55 -5.37
C ILE A 90 6.20 -36.84 -5.52
N GLU A 91 6.78 -37.32 -4.43
CA GLU A 91 7.89 -38.32 -4.48
C GLU A 91 7.42 -39.73 -4.09
N GLY A 92 6.25 -39.85 -3.45
CA GLY A 92 5.73 -41.13 -2.92
C GLY A 92 6.32 -41.44 -1.56
N TYR A 93 5.90 -42.54 -0.95
CA TYR A 93 6.19 -42.88 0.46
C TYR A 93 6.97 -44.19 0.54
N PRO A 94 7.61 -44.48 1.69
CA PRO A 94 7.74 -43.51 2.78
C PRO A 94 8.92 -42.57 2.47
N LEU A 95 9.05 -41.49 3.26
CA LEU A 95 10.13 -40.49 3.08
C LEU A 95 11.47 -41.02 3.64
N SER A 96 11.47 -42.11 4.43
CA SER A 96 12.69 -42.78 4.97
C SER A 96 13.44 -43.53 3.86
N GLU A 97 12.74 -44.11 2.89
CA GLU A 97 13.37 -44.77 1.73
C GLU A 97 14.14 -43.72 0.91
N LYS A 98 15.43 -43.93 0.63
CA LYS A 98 16.26 -43.00 -0.17
C LYS A 98 16.11 -43.31 -1.66
N ASP A 99 15.86 -44.57 -2.03
CA ASP A 99 15.74 -44.97 -3.46
C ASP A 99 14.39 -44.52 -3.97
N PRO A 100 14.33 -43.59 -4.97
CA PRO A 100 13.05 -43.16 -5.51
C PRO A 100 12.29 -44.32 -6.18
N ASN A 101 13.03 -45.34 -6.63
CA ASN A 101 12.47 -46.52 -7.36
C ASN A 101 11.71 -47.45 -6.39
N LYS A 102 12.10 -47.44 -5.11
CA LYS A 102 11.56 -48.33 -4.05
C LYS A 102 10.42 -47.64 -3.31
N ARG A 103 10.03 -46.44 -3.78
CA ARG A 103 8.95 -45.61 -3.19
C ARG A 103 7.63 -45.96 -3.84
N THR A 104 6.56 -45.96 -3.05
CA THR A 104 5.18 -46.17 -3.51
C THR A 104 4.57 -44.81 -3.86
N PRO A 105 4.27 -44.54 -5.14
CA PRO A 105 3.62 -43.28 -5.52
C PRO A 105 2.21 -43.22 -4.91
N VAL A 106 1.75 -41.99 -4.60
CA VAL A 106 0.37 -41.73 -4.09
C VAL A 106 -0.48 -41.32 -5.29
N LEU A 107 0.11 -40.65 -6.29
CA LEU A 107 -0.60 -40.06 -7.45
C LEU A 107 -0.01 -40.65 -8.73
N LYS A 108 -0.82 -40.82 -9.78
CA LYS A 108 -0.38 -41.56 -11.00
C LYS A 108 0.55 -40.66 -11.82
N ASP A 109 0.25 -39.37 -11.98
CA ASP A 109 1.06 -38.45 -12.83
C ASP A 109 2.53 -38.57 -12.44
N LYS A 110 3.42 -38.76 -13.41
CA LYS A 110 4.87 -38.84 -13.16
C LYS A 110 5.41 -37.41 -13.03
N MET A 111 6.12 -37.18 -11.93
CA MET A 111 6.75 -35.92 -11.51
C MET A 111 8.20 -36.26 -11.17
N THR A 112 9.15 -35.67 -11.91
CA THR A 112 10.62 -35.83 -11.72
C THR A 112 11.12 -34.76 -10.75
N PRO A 113 11.33 -35.11 -9.46
CA PRO A 113 11.96 -34.22 -8.50
C PRO A 113 13.39 -33.89 -8.93
N VAL A 114 13.80 -32.63 -8.79
CA VAL A 114 15.21 -32.20 -9.02
C VAL A 114 15.59 -31.21 -7.93
N PRO A 115 16.88 -31.15 -7.53
CA PRO A 115 17.31 -30.16 -6.53
C PRO A 115 17.10 -28.76 -7.13
N PHE A 116 16.77 -27.79 -6.29
CA PHE A 116 16.60 -26.36 -6.68
C PHE A 116 17.98 -25.72 -6.64
N PRO A 117 18.54 -25.30 -7.79
CA PRO A 117 19.84 -24.64 -7.83
C PRO A 117 19.93 -23.46 -6.85
N MET A 118 20.90 -23.48 -5.92
CA MET A 118 21.20 -22.30 -5.07
C MET A 118 22.25 -21.40 -5.76
N GLY A 119 23.10 -21.97 -6.63
CA GLY A 119 24.13 -21.24 -7.39
C GLY A 119 25.43 -21.15 -6.61
N ASP A 120 26.33 -20.22 -7.00
CA ASP A 120 27.69 -20.04 -6.41
C ASP A 120 27.79 -18.66 -5.76
N PRO A 121 27.85 -18.55 -4.40
CA PRO A 121 27.99 -17.25 -3.75
C PRO A 121 29.27 -16.47 -4.13
N SER A 122 30.24 -17.16 -4.75
CA SER A 122 31.47 -16.57 -5.34
C SER A 122 31.09 -15.62 -6.47
N LYS A 123 30.04 -15.94 -7.23
CA LYS A 123 29.74 -15.29 -8.54
C LYS A 123 28.45 -14.48 -8.51
N LEU A 124 27.58 -14.73 -7.52
CA LEU A 124 26.24 -14.08 -7.41
C LEU A 124 26.41 -12.72 -6.71
N LEU A 125 25.62 -11.75 -7.15
CA LEU A 125 25.79 -10.32 -6.79
C LEU A 125 24.84 -9.92 -5.66
N MET A 126 25.35 -9.05 -4.78
CA MET A 126 24.62 -8.26 -3.77
C MET A 126 24.95 -6.78 -4.00
N TYR A 127 24.02 -6.00 -4.58
CA TYR A 127 24.25 -4.61 -5.06
C TYR A 127 23.43 -3.63 -4.22
N LEU A 128 24.06 -3.08 -3.17
CA LEU A 128 23.44 -2.29 -2.08
C LEU A 128 24.12 -0.91 -1.98
N ARG A 129 23.34 0.15 -2.23
CA ARG A 129 23.75 1.59 -2.15
C ARG A 129 24.94 1.80 -3.08
N LYS A 130 24.87 1.24 -4.29
CA LYS A 130 25.84 1.38 -5.40
C LYS A 130 27.12 0.56 -5.16
N GLU A 131 27.20 -0.25 -4.11
CA GLU A 131 28.38 -1.13 -3.85
C GLU A 131 28.07 -2.56 -4.31
N ARG A 132 28.84 -3.07 -5.28
CA ARG A 132 28.67 -4.42 -5.86
C ARG A 132 29.58 -5.41 -5.10
N PHE A 133 29.01 -6.12 -4.13
CA PHE A 133 29.67 -7.28 -3.44
C PHE A 133 29.36 -8.57 -4.19
N LYS A 134 30.19 -9.58 -3.93
CA LYS A 134 29.86 -11.02 -4.10
C LYS A 134 29.10 -11.45 -2.85
N GLN A 135 28.18 -12.40 -2.99
CA GLN A 135 27.31 -12.80 -1.85
C GLN A 135 28.15 -13.43 -0.73
N ASN A 136 29.33 -13.99 -1.04
CA ASN A 136 30.25 -14.58 -0.03
C ASN A 136 31.20 -13.54 0.59
N ALA A 137 30.97 -12.23 0.38
CA ALA A 137 31.89 -11.14 0.83
C ALA A 137 32.01 -11.18 2.36
N TRP A 138 30.89 -11.34 3.08
CA TRP A 138 30.86 -11.36 4.56
C TRP A 138 31.62 -12.60 5.07
N ASN A 139 31.48 -13.75 4.41
CA ASN A 139 32.17 -15.03 4.79
C ASN A 139 33.67 -14.85 4.60
N GLU A 140 34.11 -14.51 3.38
CA GLU A 140 35.54 -14.28 2.99
C GLU A 140 36.22 -13.35 4.00
N ALA A 141 35.58 -12.22 4.33
CA ALA A 141 36.08 -11.22 5.30
C ALA A 141 36.31 -11.89 6.65
N GLN A 142 35.33 -12.64 7.17
CA GLN A 142 35.36 -13.23 8.54
C GLN A 142 36.47 -14.29 8.66
N LYS A 143 36.83 -14.95 7.53
CA LYS A 143 37.93 -15.97 7.45
C LYS A 143 39.28 -15.30 7.67
N LYS A 144 39.48 -14.10 7.09
CA LYS A 144 40.66 -13.23 7.31
C LYS A 144 40.51 -12.43 8.61
N GLY A 145 39.62 -12.85 9.53
CA GLY A 145 39.37 -12.20 10.84
C GLY A 145 38.96 -10.74 10.74
N GLU A 146 38.41 -10.33 9.58
CA GLU A 146 37.98 -8.94 9.28
C GLU A 146 36.48 -8.78 9.57
N LYS A 147 36.06 -7.52 9.68
CA LYS A 147 34.65 -7.07 9.74
C LYS A 147 34.37 -6.30 8.44
N LEU A 148 33.66 -6.92 7.49
CA LEU A 148 33.37 -6.33 6.16
C LEU A 148 32.69 -4.99 6.36
N PRO A 149 33.24 -3.89 5.79
CA PRO A 149 32.55 -2.60 5.76
C PRO A 149 31.51 -2.53 4.63
N THR A 150 30.35 -1.92 4.92
CA THR A 150 29.24 -1.66 3.95
C THR A 150 28.80 -0.20 4.11
N ARG A 151 27.91 0.28 3.23
CA ARG A 151 27.41 1.69 3.27
C ARG A 151 26.14 1.79 4.13
N TYR A 152 25.88 0.79 4.98
CA TYR A 152 24.89 0.82 6.09
C TYR A 152 25.64 1.10 7.40
N TYR A 153 25.11 2.01 8.22
CA TYR A 153 25.74 2.44 9.51
C TYR A 153 25.09 1.65 10.64
N LEU A 154 25.55 0.42 10.79
CA LEU A 154 25.08 -0.55 11.81
C LEU A 154 25.57 -0.06 13.17
N ASN A 155 24.89 -0.48 14.24
CA ASN A 155 25.39 -0.40 15.63
C ASN A 155 26.76 -1.10 15.64
N GLU A 156 27.67 -0.65 16.51
CA GLU A 156 29.10 -1.09 16.52
C GLU A 156 29.15 -2.60 16.83
N ASN A 157 28.38 -3.05 17.82
CA ASN A 157 28.34 -4.48 18.28
C ASN A 157 27.78 -5.39 17.16
N ASP A 158 27.19 -4.87 16.07
CA ASP A 158 26.63 -5.65 14.94
C ASP A 158 27.51 -5.53 13.70
N LEU A 159 28.64 -4.82 13.75
CA LEU A 159 29.47 -4.58 12.54
C LEU A 159 30.07 -5.90 12.03
N GLY A 160 30.15 -6.06 10.71
CA GLY A 160 30.73 -7.24 10.03
C GLY A 160 29.76 -8.39 9.84
N PHE A 161 28.65 -8.42 10.58
CA PHE A 161 27.57 -9.43 10.43
C PHE A 161 27.01 -9.35 9.00
N SER A 162 26.75 -10.52 8.41
CA SER A 162 25.90 -10.70 7.20
C SER A 162 24.44 -10.58 7.63
N SER A 163 23.52 -10.50 6.66
CA SER A 163 22.06 -10.41 6.94
C SER A 163 21.62 -11.67 7.70
N ASP A 164 22.03 -12.86 7.21
CA ASP A 164 21.67 -14.16 7.86
C ASP A 164 22.16 -14.16 9.31
N GLN A 165 23.41 -13.76 9.53
CA GLN A 165 24.06 -13.84 10.87
C GLN A 165 23.32 -12.90 11.83
N LEU A 166 23.03 -11.68 11.36
CA LEU A 166 22.35 -10.64 12.19
C LEU A 166 20.95 -11.10 12.57
N PHE A 167 20.16 -11.61 11.62
CA PHE A 167 18.82 -12.18 11.95
C PHE A 167 18.97 -13.24 13.02
N ASN A 168 19.89 -14.19 12.82
CA ASN A 168 20.08 -15.29 13.79
C ASN A 168 20.34 -14.67 15.17
N LYS A 169 21.21 -13.65 15.23
CA LYS A 169 21.58 -12.94 16.49
C LYS A 169 20.33 -12.30 17.12
N ILE A 170 19.57 -11.54 16.32
CA ILE A 170 18.36 -10.83 16.82
C ILE A 170 17.47 -11.87 17.50
N ILE A 171 17.24 -12.98 16.81
CA ILE A 171 16.22 -13.99 17.25
C ILE A 171 16.76 -14.68 18.51
N TYR A 172 18.05 -15.05 18.50
CA TYR A 172 18.75 -15.60 19.70
C TYR A 172 18.52 -14.63 20.89
N ASP A 173 18.91 -13.35 20.72
CA ASP A 173 18.88 -12.34 21.82
C ASP A 173 17.45 -12.27 22.38
N VAL A 174 16.43 -12.26 21.52
CA VAL A 174 15.03 -12.05 21.98
C VAL A 174 14.56 -13.27 22.77
N LEU A 175 14.76 -14.48 22.21
CA LEU A 175 14.33 -15.74 22.85
C LEU A 175 14.99 -15.87 24.24
N MET A 176 16.30 -15.60 24.35
CA MET A 176 17.06 -15.86 25.62
C MET A 176 16.73 -14.82 26.71
N ALA A 177 16.14 -13.67 26.38
CA ALA A 177 15.75 -12.64 27.37
C ALA A 177 14.46 -13.06 28.08
N ASP A 178 13.69 -14.00 27.53
CA ASP A 178 12.53 -14.59 28.23
C ASP A 178 13.07 -15.69 29.14
N PRO A 179 13.00 -15.55 30.49
CA PRO A 179 13.52 -16.57 31.40
C PRO A 179 12.94 -17.94 31.06
N TRP A 180 11.61 -18.00 30.90
CA TRP A 180 10.86 -19.25 30.64
C TRP A 180 11.38 -19.94 29.36
N VAL A 181 11.75 -19.17 28.32
CA VAL A 181 12.23 -19.74 27.03
C VAL A 181 13.68 -20.21 27.19
N ALA A 182 14.57 -19.35 27.68
CA ALA A 182 16.02 -19.64 27.84
C ALA A 182 16.18 -20.91 28.67
N GLU A 183 15.32 -21.08 29.69
CA GLU A 183 15.29 -22.24 30.61
C GLU A 183 14.68 -23.46 29.89
N THR A 184 13.47 -23.32 29.33
CA THR A 184 12.68 -24.45 28.78
C THR A 184 13.31 -24.95 27.47
N TYR A 185 13.91 -24.07 26.65
CA TYR A 185 14.42 -24.44 25.30
C TYR A 185 15.88 -24.00 25.09
N GLY A 186 16.60 -23.63 26.15
CA GLY A 186 18.01 -23.19 26.05
C GLY A 186 18.87 -24.18 25.29
N SER A 187 18.61 -25.48 25.48
CA SER A 187 19.21 -26.64 24.79
C SER A 187 19.23 -26.44 23.26
N LYS A 188 18.14 -25.90 22.69
CA LYS A 188 17.90 -25.82 21.22
C LYS A 188 18.13 -24.38 20.72
N ILE A 189 18.56 -23.48 21.60
CA ILE A 189 18.91 -22.07 21.26
C ILE A 189 20.40 -21.88 21.56
N ILE A 190 21.25 -21.89 20.53
CA ILE A 190 22.70 -22.24 20.64
C ILE A 190 23.58 -21.09 20.10
N LYS A 191 24.33 -20.45 21.01
CA LYS A 191 25.48 -19.55 20.69
C LYS A 191 26.72 -20.42 20.43
N GLY A 192 27.29 -20.37 19.23
CA GLY A 192 28.58 -21.01 18.91
C GLY A 192 29.73 -20.22 19.49
N SER A 193 30.97 -20.63 19.22
CA SER A 193 32.20 -19.98 19.74
C SER A 193 32.52 -18.72 18.90
N SER A 194 32.45 -18.80 17.57
CA SER A 194 32.54 -17.62 16.66
C SER A 194 31.50 -16.58 17.11
N VAL A 195 31.80 -15.30 17.03
CA VAL A 195 30.88 -14.21 17.48
C VAL A 195 29.62 -14.20 16.59
N TYR A 196 29.72 -14.68 15.35
CA TYR A 196 28.64 -14.63 14.31
C TYR A 196 27.81 -15.93 14.28
N ASP A 197 28.09 -16.90 15.15
CA ASP A 197 27.56 -18.28 15.03
C ASP A 197 26.38 -18.43 16.00
N TYR A 198 25.16 -18.42 15.47
CA TYR A 198 23.90 -18.71 16.21
C TYR A 198 23.10 -19.71 15.36
N SER A 199 22.63 -20.79 15.99
CA SER A 199 21.89 -21.90 15.35
C SER A 199 20.65 -22.20 16.20
N PHE A 200 19.64 -22.84 15.60
CA PHE A 200 18.39 -23.25 16.29
C PHE A 200 18.02 -24.68 15.89
N LYS A 201 17.47 -25.42 16.85
CA LYS A 201 17.01 -26.83 16.71
C LYS A 201 15.54 -26.88 17.12
N LEU A 202 14.88 -25.73 17.14
CA LEU A 202 13.48 -25.62 17.59
C LEU A 202 12.60 -26.26 16.51
N THR A 203 11.75 -27.20 16.91
CA THR A 203 10.80 -27.91 16.04
C THR A 203 9.53 -27.06 15.90
N SER A 204 8.78 -27.31 14.83
CA SER A 204 7.43 -26.75 14.61
C SER A 204 6.62 -26.82 15.92
N ARG A 205 6.64 -27.94 16.65
CA ARG A 205 5.86 -28.10 17.91
C ARG A 205 6.42 -27.18 19.01
N ASP A 206 7.74 -27.00 19.05
CA ASP A 206 8.40 -26.09 20.02
C ASP A 206 7.90 -24.67 19.76
N TRP A 207 8.02 -24.23 18.50
CA TRP A 207 7.51 -22.92 18.05
C TRP A 207 6.03 -22.76 18.45
N ASP A 208 5.19 -23.79 18.32
CA ASP A 208 3.75 -23.67 18.69
C ASP A 208 3.62 -23.40 20.20
N ASP A 209 4.55 -23.92 20.99
CA ASP A 209 4.56 -23.66 22.45
C ASP A 209 5.03 -22.21 22.70
N ILE A 210 6.10 -21.78 22.02
CA ILE A 210 6.80 -20.48 22.29
C ILE A 210 5.95 -19.28 21.85
N LYS A 211 5.49 -19.29 20.59
CA LYS A 211 4.90 -18.11 19.90
C LYS A 211 3.87 -17.40 20.77
N PRO A 212 2.88 -18.11 21.36
CA PRO A 212 1.84 -17.42 22.12
C PRO A 212 2.28 -16.85 23.48
N LYS A 213 3.44 -17.27 24.00
CA LYS A 213 3.87 -16.98 25.40
C LYS A 213 5.07 -16.03 25.43
N LEU A 214 5.90 -16.04 24.39
CA LEU A 214 7.19 -15.30 24.35
C LEU A 214 6.96 -13.82 24.73
N VAL A 215 7.76 -13.31 25.67
CA VAL A 215 7.70 -11.90 26.15
C VAL A 215 8.97 -11.18 25.69
N TYR A 216 8.85 -9.91 25.29
CA TYR A 216 9.97 -9.05 24.82
C TYR A 216 10.57 -8.38 26.06
N ASN A 217 11.79 -8.79 26.44
CA ASN A 217 12.40 -8.46 27.75
C ASN A 217 13.61 -7.57 27.47
N PHE A 218 13.37 -6.26 27.37
CA PHE A 218 14.41 -5.26 27.03
C PHE A 218 14.03 -3.98 27.78
N PRO A 219 14.65 -3.73 28.96
CA PRO A 219 14.08 -2.81 29.95
C PRO A 219 13.85 -1.37 29.46
N ASN A 220 14.72 -0.85 28.60
CA ASN A 220 14.58 0.55 28.09
C ASN A 220 13.73 0.61 26.81
N SER A 221 13.22 -0.53 26.29
CA SER A 221 12.48 -0.59 24.99
C SER A 221 11.08 -0.04 25.17
N PRO A 222 10.57 0.74 24.19
CA PRO A 222 9.16 1.04 24.14
C PRO A 222 8.28 -0.22 24.14
N TYR A 223 8.83 -1.37 23.72
CA TYR A 223 8.06 -2.64 23.58
C TYR A 223 8.33 -3.60 24.76
N ASP A 224 9.04 -3.15 25.81
CA ASP A 224 9.38 -3.99 26.99
C ASP A 224 8.11 -4.60 27.59
N GLN A 225 8.15 -5.91 27.87
CA GLN A 225 7.11 -6.69 28.63
C GLN A 225 5.88 -6.93 27.78
N ARG A 226 5.95 -6.70 26.46
CA ARG A 226 4.85 -7.05 25.54
C ARG A 226 5.15 -8.42 24.94
N LYS A 227 4.11 -9.22 24.71
CA LYS A 227 4.25 -10.46 23.90
C LYS A 227 4.90 -10.05 22.57
N VAL A 228 5.89 -10.81 22.10
CA VAL A 228 6.55 -10.58 20.78
C VAL A 228 5.50 -10.70 19.66
N ASN A 229 4.47 -11.49 19.91
CA ASN A 229 3.25 -11.61 19.08
C ASN A 229 2.66 -10.23 18.78
N ASP A 230 2.79 -9.27 19.70
CA ASP A 230 2.07 -7.97 19.64
C ASP A 230 2.98 -6.89 19.03
N ILE A 231 4.15 -7.29 18.55
CA ILE A 231 5.18 -6.37 17.99
C ILE A 231 5.37 -6.68 16.50
N GLY A 232 5.22 -5.66 15.67
CA GLY A 232 5.55 -5.75 14.24
C GLY A 232 7.00 -6.08 14.06
N PHE A 233 7.37 -6.71 12.95
CA PHE A 233 8.74 -7.23 12.73
C PHE A 233 9.69 -6.07 12.39
N TRP A 234 9.22 -5.04 11.69
CA TRP A 234 10.09 -3.86 11.42
C TRP A 234 10.29 -3.11 12.75
N ASN A 235 9.22 -2.91 13.52
CA ASN A 235 9.28 -2.40 14.91
C ASN A 235 10.41 -3.12 15.65
N LEU A 236 10.35 -4.46 15.73
CA LEU A 236 11.30 -5.28 16.53
C LEU A 236 12.71 -5.17 15.95
N ILE A 237 12.88 -5.26 14.64
CA ILE A 237 14.25 -5.28 14.04
C ILE A 237 14.93 -3.93 14.29
N LYS A 238 14.21 -2.80 14.13
CA LYS A 238 14.77 -1.46 14.39
C LYS A 238 15.14 -1.36 15.87
N ASP A 239 14.24 -1.79 16.78
CA ASP A 239 14.51 -1.72 18.23
C ASP A 239 15.81 -2.45 18.55
N GLN A 240 16.18 -3.45 17.73
CA GLN A 240 17.26 -4.38 18.09
C GLN A 240 18.56 -3.94 17.38
N VAL A 241 18.52 -3.47 16.12
CA VAL A 241 19.75 -3.18 15.33
C VAL A 241 19.70 -1.78 14.68
N SER A 242 18.80 -0.91 15.12
CA SER A 242 18.61 0.47 14.60
C SER A 242 17.96 0.42 13.22
N GLN A 243 17.43 1.57 12.79
CA GLN A 243 16.71 1.75 11.52
C GLN A 243 17.69 1.49 10.39
N GLU A 244 18.96 1.86 10.56
CA GLU A 244 20.00 1.54 9.53
C GLU A 244 20.19 0.02 9.49
N GLY A 245 20.11 -0.68 10.63
CA GLY A 245 20.10 -2.15 10.67
C GLY A 245 18.93 -2.72 9.88
N TYR A 246 17.73 -2.20 10.08
CA TYR A 246 16.51 -2.64 9.35
C TYR A 246 16.71 -2.44 7.84
N GLU A 247 17.29 -1.31 7.41
CA GLU A 247 17.51 -1.03 5.98
C GLU A 247 18.44 -2.11 5.38
N PHE A 248 19.47 -2.51 6.13
CA PHE A 248 20.43 -3.56 5.70
C PHE A 248 19.64 -4.85 5.49
N LEU A 249 18.90 -5.28 6.52
CA LEU A 249 18.25 -6.61 6.54
C LEU A 249 17.14 -6.67 5.50
N ALA A 250 16.32 -5.61 5.41
CA ALA A 250 15.19 -5.54 4.48
C ALA A 250 15.73 -5.56 3.06
N ASN A 251 16.80 -4.82 2.79
CA ASN A 251 17.31 -4.66 1.40
C ASN A 251 18.14 -5.88 0.98
N ALA A 252 18.85 -6.56 1.89
CA ALA A 252 19.79 -7.67 1.56
C ALA A 252 19.08 -9.03 1.52
N GLY A 253 17.79 -9.11 1.92
CA GLY A 253 16.93 -10.30 1.77
C GLY A 253 16.20 -10.30 0.43
N GLY A 254 15.97 -11.51 -0.13
CA GLY A 254 15.19 -11.72 -1.38
C GLY A 254 13.75 -12.13 -1.11
N TYR A 255 13.08 -12.79 -2.07
CA TYR A 255 11.63 -13.13 -2.03
C TYR A 255 11.28 -13.90 -0.74
N TYR A 256 12.10 -14.90 -0.36
CA TYR A 256 11.94 -15.78 0.82
C TYR A 256 11.91 -14.98 2.12
N SER A 257 12.60 -13.83 2.18
CA SER A 257 12.88 -13.01 3.40
C SER A 257 11.80 -11.93 3.55
N ASN A 258 10.97 -12.08 4.60
CA ASN A 258 9.76 -11.27 4.83
C ASN A 258 10.02 -10.30 6.00
N THR A 259 10.36 -9.06 5.67
CA THR A 259 10.81 -7.99 6.61
C THR A 259 9.77 -6.86 6.62
N ILE A 260 8.55 -7.11 6.13
CA ILE A 260 7.42 -6.17 6.36
C ILE A 260 7.09 -6.16 7.85
N ASN A 261 6.22 -5.25 8.24
CA ASN A 261 5.88 -5.05 9.65
C ASN A 261 4.80 -6.04 10.05
N TRP A 262 5.12 -7.33 10.01
CA TRP A 262 4.14 -8.41 10.34
C TRP A 262 4.44 -9.02 11.71
N ASN A 263 3.71 -10.06 12.05
CA ASN A 263 3.71 -10.68 13.40
C ASN A 263 5.11 -11.26 13.68
N SER A 264 5.84 -10.62 14.60
CA SER A 264 7.24 -10.98 14.95
C SER A 264 7.31 -12.43 15.44
N ALA A 265 6.37 -12.89 16.24
CA ALA A 265 6.33 -14.27 16.80
C ALA A 265 6.27 -15.25 15.64
N GLU A 266 5.35 -15.01 14.69
CA GLU A 266 5.22 -15.80 13.44
C GLU A 266 6.46 -15.60 12.56
N ALA A 267 7.11 -14.43 12.61
CA ALA A 267 8.25 -14.13 11.72
C ALA A 267 9.48 -14.95 12.13
N PHE A 268 9.65 -15.25 13.40
CA PHE A 268 10.87 -15.93 13.94
C PHE A 268 11.07 -17.28 13.27
N PRO A 269 10.16 -18.28 13.44
CA PRO A 269 10.28 -19.57 12.75
C PRO A 269 10.42 -19.40 11.23
N TYR A 270 9.71 -18.44 10.64
CA TYR A 270 9.71 -18.17 9.17
C TYR A 270 11.14 -17.88 8.71
N MET A 271 12.01 -17.39 9.60
CA MET A 271 13.37 -16.88 9.24
C MET A 271 14.47 -17.92 9.54
N VAL A 272 14.33 -18.72 10.60
CA VAL A 272 15.39 -19.69 11.01
C VAL A 272 15.01 -21.14 10.67
N GLY A 273 13.77 -21.43 10.24
CA GLY A 273 13.29 -22.77 9.87
C GLY A 273 12.68 -23.54 11.05
N ASP A 274 12.04 -24.67 10.76
CA ASP A 274 11.63 -25.74 11.73
C ASP A 274 12.60 -26.91 11.52
N PHE A 275 13.43 -27.25 12.53
CA PHE A 275 14.78 -27.87 12.32
C PHE A 275 14.72 -28.95 11.24
N SER A 276 15.92 -29.31 10.78
CA SER A 276 16.35 -29.30 9.35
C SER A 276 17.06 -30.61 9.00
N ALA A 277 18.39 -30.65 9.23
CA ALA A 277 19.42 -31.58 8.67
C ALA A 277 18.85 -32.52 7.60
N GLY A 278 19.38 -32.43 6.37
CA GLY A 278 19.05 -33.31 5.24
C GLY A 278 17.98 -32.74 4.35
N THR A 279 17.19 -31.77 4.85
CA THR A 279 16.12 -31.10 4.07
C THR A 279 16.78 -30.17 3.06
N ILE A 280 16.42 -30.29 1.80
CA ILE A 280 16.90 -29.38 0.71
C ILE A 280 15.68 -28.87 -0.05
N TYR A 281 15.90 -27.82 -0.83
CA TYR A 281 14.90 -27.23 -1.75
C TYR A 281 14.90 -28.06 -3.01
N LYS A 282 13.72 -28.38 -3.52
CA LYS A 282 13.56 -29.13 -4.80
C LYS A 282 12.47 -28.47 -5.63
N THR A 283 12.46 -28.76 -6.93
CA THR A 283 11.32 -28.44 -7.83
C THR A 283 10.96 -29.70 -8.60
N ILE A 284 10.08 -29.55 -9.57
CA ILE A 284 9.59 -30.63 -10.47
C ILE A 284 10.03 -30.27 -11.88
N GLU A 285 10.76 -31.17 -12.55
CA GLU A 285 11.32 -30.94 -13.90
C GLU A 285 10.20 -30.55 -14.85
N GLU A 286 9.01 -31.14 -14.69
CA GLU A 286 7.84 -30.88 -15.58
C GLU A 286 7.13 -29.58 -15.17
N GLY A 287 7.73 -28.80 -14.28
CA GLY A 287 7.14 -27.55 -13.76
C GLY A 287 6.43 -27.80 -12.45
N TYR A 288 6.54 -26.85 -11.52
CA TYR A 288 6.03 -26.99 -10.14
C TYR A 288 4.52 -27.11 -10.11
N ASP A 289 3.79 -26.57 -11.10
CA ASP A 289 2.30 -26.66 -11.12
C ASP A 289 1.89 -28.10 -11.41
N SER A 290 2.83 -28.96 -11.79
CA SER A 290 2.60 -30.41 -12.01
C SER A 290 1.98 -31.01 -10.76
N ILE A 291 2.35 -30.54 -9.58
CA ILE A 291 1.74 -31.09 -8.32
C ILE A 291 0.25 -30.75 -8.31
N ALA A 292 -0.15 -29.56 -8.73
CA ALA A 292 -1.58 -29.22 -8.80
C ALA A 292 -2.27 -30.13 -9.82
N TYR A 293 -1.65 -30.39 -10.98
CA TYR A 293 -2.22 -31.22 -12.07
C TYR A 293 -2.28 -32.68 -11.58
N ALA A 294 -1.32 -33.13 -10.77
CA ALA A 294 -1.30 -34.53 -10.30
C ALA A 294 -2.48 -34.77 -9.37
N VAL A 295 -2.77 -33.80 -8.48
CA VAL A 295 -3.92 -33.90 -7.54
C VAL A 295 -5.22 -33.77 -8.33
N ALA A 296 -5.30 -32.82 -9.26
CA ALA A 296 -6.52 -32.61 -10.09
C ALA A 296 -6.83 -33.91 -10.84
N ASN A 297 -5.82 -34.50 -11.47
CA ASN A 297 -5.98 -35.67 -12.37
C ASN A 297 -6.45 -36.85 -11.54
N SER A 298 -5.96 -37.00 -10.32
CA SER A 298 -6.34 -38.11 -9.41
C SER A 298 -7.82 -37.95 -9.05
N TYR A 299 -8.25 -36.73 -8.73
CA TYR A 299 -9.69 -36.44 -8.48
C TYR A 299 -10.48 -36.79 -9.75
N MET A 300 -10.00 -36.34 -10.91
CA MET A 300 -10.78 -36.39 -12.18
C MET A 300 -10.84 -37.83 -12.74
N GLU A 301 -10.04 -38.77 -12.24
CA GLU A 301 -10.11 -40.18 -12.73
C GLU A 301 -11.32 -40.88 -12.08
N HIS A 302 -12.01 -40.25 -11.11
CA HIS A 302 -13.32 -40.68 -10.56
C HIS A 302 -14.46 -40.13 -11.41
N GLU A 303 -15.20 -40.98 -12.16
CA GLU A 303 -16.22 -40.42 -13.10
C GLU A 303 -17.30 -39.74 -12.27
N GLY A 304 -17.81 -38.61 -12.80
CA GLY A 304 -18.66 -37.66 -12.06
C GLY A 304 -17.86 -36.45 -11.60
N ALA A 305 -16.54 -36.59 -11.42
CA ALA A 305 -15.65 -35.48 -10.99
C ALA A 305 -15.65 -34.43 -12.08
N CYS A 306 -15.59 -33.16 -11.68
CA CYS A 306 -15.62 -32.04 -12.62
C CYS A 306 -15.00 -30.79 -12.00
N ILE A 307 -14.06 -30.16 -12.73
CA ILE A 307 -13.60 -28.77 -12.50
C ILE A 307 -14.42 -27.88 -13.42
N TRP A 308 -15.23 -27.00 -12.84
CA TRP A 308 -15.94 -25.94 -13.62
C TRP A 308 -14.99 -24.75 -13.73
N SER A 309 -14.53 -24.40 -14.92
CA SER A 309 -13.60 -23.27 -15.13
C SER A 309 -14.41 -22.07 -15.62
N GLU A 310 -13.81 -20.88 -15.61
CA GLU A 310 -14.43 -19.63 -16.11
C GLU A 310 -15.84 -19.52 -15.52
N ASN A 311 -16.00 -19.94 -14.26
CA ASN A 311 -17.26 -19.91 -13.51
C ASN A 311 -16.98 -19.26 -12.16
N LYS A 312 -17.50 -18.06 -11.97
CA LYS A 312 -17.16 -17.20 -10.83
C LYS A 312 -18.29 -17.19 -9.81
N LEU A 313 -18.01 -17.58 -8.56
CA LEU A 313 -19.00 -17.47 -7.46
C LEU A 313 -19.30 -16.01 -7.19
N LEU A 314 -20.58 -15.62 -7.17
CA LEU A 314 -21.03 -14.23 -6.90
C LEU A 314 -21.48 -14.12 -5.45
N THR A 315 -22.23 -15.10 -4.99
CA THR A 315 -23.03 -15.03 -3.75
C THR A 315 -23.59 -16.41 -3.44
N PHE A 316 -24.08 -16.58 -2.22
CA PHE A 316 -24.80 -17.78 -1.77
C PHE A 316 -25.74 -17.37 -0.64
N THR A 317 -26.82 -18.14 -0.45
CA THR A 317 -27.92 -17.82 0.49
C THR A 317 -28.54 -19.12 1.00
N LYS A 318 -29.18 -19.03 2.19
CA LYS A 318 -30.00 -20.09 2.82
C LYS A 318 -31.48 -19.94 2.41
N ASP A 319 -31.83 -18.85 1.72
CA ASP A 319 -33.23 -18.49 1.36
C ASP A 319 -33.45 -18.80 -0.14
N HIS A 320 -33.93 -20.00 -0.44
CA HIS A 320 -34.02 -20.55 -1.81
C HIS A 320 -35.07 -21.66 -1.83
N PRO A 321 -35.56 -22.07 -3.02
CA PRO A 321 -36.64 -23.06 -3.13
C PRO A 321 -36.38 -24.50 -2.67
N LEU A 322 -35.13 -24.94 -2.44
CA LEU A 322 -34.80 -26.38 -2.27
C LEU A 322 -34.18 -26.67 -0.90
N THR A 323 -34.60 -25.95 0.15
CA THR A 323 -34.03 -26.07 1.52
C THR A 323 -34.37 -27.43 2.13
N ASN A 324 -35.20 -28.24 1.48
CA ASN A 324 -35.51 -29.63 1.93
C ASN A 324 -34.31 -30.55 1.68
N THR A 325 -33.57 -30.37 0.58
CA THR A 325 -32.45 -31.26 0.18
C THR A 325 -31.11 -30.56 0.49
N HIS A 326 -31.04 -29.24 0.34
CA HIS A 326 -29.76 -28.48 0.28
C HIS A 326 -29.86 -27.22 1.13
N LYS A 327 -28.95 -27.07 2.09
CA LYS A 327 -28.90 -25.86 2.95
C LYS A 327 -28.61 -24.60 2.13
N TYR A 328 -27.80 -24.68 1.07
CA TYR A 328 -27.24 -23.49 0.37
C TYR A 328 -27.53 -23.51 -1.14
N GLU A 329 -27.94 -22.35 -1.64
CA GLU A 329 -28.00 -22.00 -3.08
C GLU A 329 -26.83 -21.07 -3.40
N LEU A 330 -25.97 -21.45 -4.36
CA LEU A 330 -24.82 -20.67 -4.88
C LEU A 330 -25.18 -20.09 -6.25
N THR A 331 -24.83 -18.84 -6.52
CA THR A 331 -24.98 -18.21 -7.86
C THR A 331 -23.58 -18.06 -8.47
N PHE A 332 -23.41 -18.60 -9.68
CA PHE A 332 -22.17 -18.47 -10.48
C PHE A 332 -22.42 -17.58 -11.71
N LEU A 333 -21.41 -16.80 -12.07
CA LEU A 333 -21.37 -16.08 -13.36
C LEU A 333 -20.55 -16.93 -14.33
N ASN A 334 -21.23 -17.47 -15.34
CA ASN A 334 -20.62 -18.19 -16.48
C ASN A 334 -20.00 -17.13 -17.38
N LEU A 335 -18.70 -16.92 -17.23
CA LEU A 335 -17.97 -15.75 -17.78
C LEU A 335 -18.08 -15.72 -19.31
N LYS A 336 -18.06 -16.90 -19.96
CA LYS A 336 -18.08 -17.03 -21.43
C LYS A 336 -19.35 -16.43 -22.00
N THR A 337 -20.47 -16.52 -21.26
CA THR A 337 -21.82 -16.16 -21.75
C THR A 337 -22.38 -14.95 -21.00
N ASN A 338 -21.80 -14.58 -19.85
CA ASN A 338 -22.32 -13.53 -18.93
C ASN A 338 -23.70 -13.92 -18.40
N THR A 339 -23.97 -15.23 -18.25
CA THR A 339 -25.25 -15.78 -17.71
C THR A 339 -25.03 -16.32 -16.29
N GLN A 340 -25.99 -16.09 -15.40
CA GLN A 340 -25.94 -16.59 -14.00
C GLN A 340 -26.64 -17.96 -13.93
N TRP A 341 -26.14 -18.83 -13.05
CA TRP A 341 -26.73 -20.15 -12.78
C TRP A 341 -26.55 -20.53 -11.32
N LYS A 342 -27.54 -21.27 -10.81
CA LYS A 342 -27.63 -21.72 -9.40
C LYS A 342 -27.02 -23.11 -9.26
N VAL A 343 -26.32 -23.34 -8.14
CA VAL A 343 -25.85 -24.67 -7.67
C VAL A 343 -26.33 -24.87 -6.22
N TYR A 344 -26.75 -26.08 -5.89
CA TYR A 344 -27.34 -26.45 -4.58
C TYR A 344 -26.32 -27.37 -3.88
N ALA A 345 -26.03 -27.09 -2.61
CA ALA A 345 -25.00 -27.82 -1.83
C ALA A 345 -25.31 -27.75 -0.34
N ASN A 346 -24.69 -28.63 0.44
CA ASN A 346 -24.88 -28.74 1.91
C ASN A 346 -23.60 -28.33 2.66
N SER A 347 -22.46 -28.32 1.96
CA SER A 347 -21.15 -27.79 2.43
C SER A 347 -20.57 -26.87 1.36
N ILE A 348 -20.08 -25.69 1.74
CA ILE A 348 -19.25 -24.81 0.87
C ILE A 348 -17.83 -24.75 1.44
N VAL A 349 -16.83 -25.08 0.62
CA VAL A 349 -15.39 -24.88 0.90
C VAL A 349 -14.92 -23.68 0.07
N LEU A 350 -14.53 -22.58 0.75
CA LEU A 350 -13.87 -21.42 0.12
C LEU A 350 -12.36 -21.63 0.19
N ALA A 351 -11.80 -22.17 -0.87
CA ALA A 351 -10.37 -22.56 -0.96
C ALA A 351 -9.63 -21.41 -1.66
N MET A 352 -9.59 -20.24 -1.03
CA MET A 352 -9.30 -18.99 -1.73
C MET A 352 -8.77 -17.98 -0.71
N PRO A 353 -7.92 -17.02 -1.12
CA PRO A 353 -7.31 -16.06 -0.19
C PRO A 353 -8.18 -14.87 0.22
N ARG A 354 -7.62 -14.01 1.07
CA ARG A 354 -8.32 -12.85 1.67
C ARG A 354 -9.02 -12.05 0.56
N LYS A 355 -8.32 -11.70 -0.51
CA LYS A 355 -8.87 -10.79 -1.53
C LYS A 355 -10.07 -11.46 -2.19
N SER A 356 -9.96 -12.76 -2.45
CA SER A 356 -11.02 -13.59 -3.07
C SER A 356 -12.27 -13.57 -2.19
N LEU A 357 -12.11 -13.69 -0.87
CA LEU A 357 -13.23 -13.63 0.10
C LEU A 357 -13.89 -12.24 0.03
N GLU A 358 -13.10 -11.16 -0.02
CA GLU A 358 -13.62 -9.77 0.00
C GLU A 358 -14.40 -9.47 -1.29
N LEU A 359 -14.05 -10.11 -2.40
CA LEU A 359 -14.71 -9.90 -3.71
C LEU A 359 -16.04 -10.68 -3.78
N LEU A 360 -16.34 -11.54 -2.81
CA LEU A 360 -17.66 -12.24 -2.77
C LEU A 360 -18.70 -11.23 -2.26
N ASP A 361 -19.98 -11.48 -2.54
CA ASP A 361 -21.10 -10.62 -2.06
C ASP A 361 -21.00 -10.49 -0.54
N GLN A 362 -20.65 -9.30 -0.06
CA GLN A 362 -20.44 -9.02 1.39
C GLN A 362 -21.78 -8.83 2.14
N ASN A 363 -22.91 -8.75 1.41
CA ASN A 363 -24.26 -8.45 1.97
C ASN A 363 -24.99 -9.71 2.43
N ASN A 364 -24.49 -10.92 2.14
CA ASN A 364 -25.25 -12.17 2.42
C ASN A 364 -25.14 -12.50 3.91
N PHE A 365 -25.78 -13.59 4.34
CA PHE A 365 -25.87 -14.04 5.75
C PHE A 365 -24.47 -14.34 6.28
N PHE A 366 -23.55 -14.83 5.43
CA PHE A 366 -22.20 -15.26 5.88
C PHE A 366 -21.35 -14.02 6.20
N PHE A 367 -21.24 -13.08 5.26
CA PHE A 367 -20.26 -11.97 5.32
C PHE A 367 -20.82 -10.73 6.00
N ASN A 368 -22.15 -10.61 6.11
CA ASN A 368 -22.84 -9.44 6.71
C ASN A 368 -22.01 -8.88 7.88
N ILE A 369 -21.46 -7.67 7.74
CA ILE A 369 -20.60 -7.01 8.78
C ILE A 369 -21.41 -6.70 10.05
N ASN A 370 -22.70 -6.40 9.94
CA ASN A 370 -23.55 -5.99 11.10
C ASN A 370 -23.71 -7.16 12.08
N LYS A 371 -23.66 -8.39 11.56
CA LYS A 371 -23.93 -9.69 12.24
C LYS A 371 -22.59 -10.37 12.60
N ASN A 372 -21.68 -10.48 11.62
CA ASN A 372 -20.44 -11.29 11.70
C ASN A 372 -19.22 -10.34 11.72
N SER A 373 -19.15 -9.44 12.71
CA SER A 373 -17.99 -8.53 12.93
C SER A 373 -16.73 -9.35 13.23
N VAL A 374 -16.86 -10.53 13.86
CA VAL A 374 -15.70 -11.40 14.22
C VAL A 374 -15.10 -11.99 12.95
N LEU A 375 -15.95 -12.52 12.06
CA LEU A 375 -15.52 -13.05 10.76
C LEU A 375 -14.67 -11.99 10.05
N ASN A 376 -15.22 -10.79 9.95
CA ASN A 376 -14.64 -9.68 9.16
C ASN A 376 -13.30 -9.28 9.78
N ASN A 377 -13.19 -9.21 11.11
CA ASN A 377 -11.90 -8.96 11.79
C ASN A 377 -10.89 -10.05 11.44
N ASN A 378 -11.30 -11.31 11.44
CA ASN A 378 -10.35 -12.46 11.21
C ASN A 378 -9.95 -12.51 9.74
N ILE A 379 -10.86 -12.16 8.83
CA ILE A 379 -10.53 -12.11 7.38
C ILE A 379 -9.38 -11.10 7.21
N ARG A 380 -9.41 -10.03 8.00
CA ARG A 380 -8.43 -8.92 7.96
C ARG A 380 -7.27 -9.18 8.90
N SER A 381 -7.09 -10.41 9.41
CA SER A 381 -5.96 -10.75 10.32
C SER A 381 -4.65 -10.89 9.54
N VAL A 382 -4.67 -10.83 8.19
CA VAL A 382 -3.41 -11.02 7.41
C VAL A 382 -3.21 -9.88 6.44
N ILE A 383 -1.92 -9.60 6.19
CA ILE A 383 -1.46 -8.62 5.19
C ILE A 383 -1.44 -9.32 3.82
N MET A 384 -1.99 -8.64 2.82
CA MET A 384 -1.90 -9.07 1.41
C MET A 384 -0.59 -8.54 0.83
N GLU A 385 0.46 -9.38 0.77
CA GLU A 385 1.80 -9.01 0.24
C GLU A 385 1.73 -9.03 -1.28
N PRO A 386 2.05 -7.93 -2.01
CA PRO A 386 2.14 -8.00 -3.47
C PRO A 386 3.34 -8.84 -3.94
N ALA A 387 3.19 -9.45 -5.10
CA ALA A 387 4.29 -10.15 -5.79
C ALA A 387 4.04 -10.03 -7.30
N PHE A 388 5.12 -9.83 -8.04
CA PHE A 388 5.15 -9.67 -9.50
C PHE A 388 6.29 -10.55 -10.03
N LYS A 389 6.09 -11.14 -11.19
CA LYS A 389 7.15 -11.92 -11.86
C LYS A 389 7.21 -11.50 -13.31
N ILE A 390 8.44 -11.34 -13.80
CA ILE A 390 8.73 -11.09 -15.23
C ILE A 390 9.75 -12.15 -15.67
N LEU A 391 9.34 -13.00 -16.61
CA LEU A 391 10.24 -13.93 -17.34
C LEU A 391 10.74 -13.20 -18.59
N MET A 392 12.02 -13.39 -18.89
CA MET A 392 12.68 -12.75 -20.06
C MET A 392 13.60 -13.76 -20.73
N GLY A 393 13.35 -14.00 -22.01
CA GLY A 393 14.12 -14.90 -22.88
C GLY A 393 15.16 -14.15 -23.70
N PHE A 394 16.41 -14.56 -23.58
CA PHE A 394 17.59 -14.00 -24.28
C PHE A 394 18.13 -15.06 -25.24
N GLU A 395 18.81 -14.63 -26.32
CA GLU A 395 19.39 -15.49 -27.38
C GLU A 395 20.55 -16.31 -26.83
N TYR A 396 21.12 -15.90 -25.70
CA TYR A 396 22.25 -16.59 -25.04
C TYR A 396 22.30 -16.18 -23.58
N PRO A 397 22.93 -16.99 -22.70
CA PRO A 397 23.01 -16.67 -21.27
C PRO A 397 24.15 -15.71 -20.95
N TRP A 398 23.90 -14.43 -21.15
CA TRP A 398 24.91 -13.35 -20.93
C TRP A 398 25.50 -13.43 -19.52
N TRP A 399 24.79 -14.02 -18.54
CA TRP A 399 25.26 -14.09 -17.13
C TRP A 399 26.44 -15.06 -16.98
N LYS A 400 26.64 -15.98 -17.92
CA LYS A 400 27.75 -16.99 -17.81
C LYS A 400 29.11 -16.28 -17.90
N GLU A 401 29.19 -15.11 -18.54
CA GLU A 401 30.42 -14.28 -18.65
C GLU A 401 30.98 -13.88 -17.27
N LEU A 402 30.16 -13.90 -16.21
CA LEU A 402 30.61 -13.61 -14.81
C LEU A 402 30.67 -14.91 -14.02
N GLY A 403 30.62 -16.04 -14.72
CA GLY A 403 30.65 -17.41 -14.16
C GLY A 403 29.36 -17.74 -13.41
N ILE A 404 28.23 -17.16 -13.81
CA ILE A 404 26.91 -17.40 -13.16
C ILE A 404 26.20 -18.48 -13.97
N ASP A 405 25.87 -19.61 -13.32
CA ASP A 405 25.17 -20.80 -13.88
C ASP A 405 23.67 -20.75 -13.59
N SER A 406 23.31 -20.18 -12.43
CA SER A 406 22.08 -20.51 -11.69
C SER A 406 22.02 -19.66 -10.41
N GLY A 407 20.91 -19.72 -9.68
CA GLY A 407 20.71 -18.94 -8.44
C GLY A 407 20.22 -17.55 -8.78
N HIS A 408 20.40 -16.61 -7.87
CA HIS A 408 19.82 -15.25 -7.97
C HIS A 408 20.73 -14.19 -7.36
N SER A 409 20.72 -13.01 -7.98
CA SER A 409 21.35 -11.77 -7.47
C SER A 409 20.26 -10.92 -6.79
N ILE A 410 20.67 -10.21 -5.74
CA ILE A 410 19.83 -9.36 -4.85
C ILE A 410 20.35 -7.93 -4.93
N THR A 411 19.45 -6.93 -4.92
CA THR A 411 19.83 -5.50 -4.98
C THR A 411 18.76 -4.62 -4.34
N ASP A 412 19.15 -3.41 -3.93
CA ASP A 412 18.23 -2.39 -3.39
C ASP A 412 17.71 -1.55 -4.56
N LEU A 413 18.20 -1.78 -5.79
CA LEU A 413 17.49 -1.26 -6.99
C LEU A 413 16.05 -1.80 -6.96
N PRO A 414 15.06 -1.07 -7.53
CA PRO A 414 13.68 -1.54 -7.50
C PRO A 414 13.41 -2.93 -8.07
N MET A 415 14.25 -3.46 -8.97
CA MET A 415 14.08 -4.82 -9.55
C MET A 415 14.17 -5.87 -8.45
N ARG A 416 14.91 -5.56 -7.37
CA ARG A 416 15.10 -6.34 -6.12
C ARG A 416 15.88 -7.66 -6.35
N GLN A 417 15.52 -8.45 -7.36
CA GLN A 417 16.06 -9.83 -7.48
C GLN A 417 15.95 -10.33 -8.92
N CYS A 418 16.97 -11.01 -9.44
CA CYS A 418 16.87 -11.76 -10.72
C CYS A 418 17.38 -13.19 -10.49
N TYR A 419 16.61 -14.17 -10.95
CA TYR A 419 16.98 -15.59 -10.94
C TYR A 419 17.45 -15.91 -12.36
N TYR A 420 18.65 -16.47 -12.46
CA TYR A 420 19.23 -16.98 -13.74
C TYR A 420 18.71 -18.41 -13.92
N PHE A 421 17.63 -18.56 -14.68
CA PHE A 421 16.72 -19.71 -14.49
C PHE A 421 17.08 -20.86 -15.42
N GLY A 422 17.84 -20.63 -16.50
CA GLY A 422 18.45 -21.73 -17.25
C GLY A 422 18.60 -21.48 -18.75
N THR A 423 19.31 -22.40 -19.41
CA THR A 423 19.70 -22.35 -20.84
C THR A 423 19.29 -23.66 -21.53
N ASP A 424 18.46 -23.57 -22.58
CA ASP A 424 18.14 -24.70 -23.52
C ASP A 424 19.45 -25.13 -24.18
N PRO A 425 19.95 -26.36 -23.91
CA PRO A 425 21.29 -26.76 -24.39
C PRO A 425 21.41 -26.91 -25.92
N GLU A 426 20.28 -26.92 -26.65
CA GLU A 426 20.17 -27.07 -28.12
C GLU A 426 20.10 -25.70 -28.82
N THR A 427 19.31 -24.75 -28.31
CA THR A 427 19.09 -23.40 -28.91
C THR A 427 19.96 -22.33 -28.24
N ASN A 428 20.40 -22.59 -27.00
CA ASN A 428 21.20 -21.65 -26.17
C ASN A 428 20.29 -20.53 -25.60
N ASN A 429 19.03 -20.46 -26.05
CA ASN A 429 18.03 -19.49 -25.51
C ASN A 429 17.92 -19.72 -24.00
N SER A 430 17.95 -18.62 -23.24
CA SER A 430 18.24 -18.58 -21.78
C SER A 430 17.22 -17.67 -21.05
N MET A 431 16.67 -18.15 -19.93
CA MET A 431 15.56 -17.47 -19.23
C MET A 431 16.08 -16.78 -17.96
N LEU A 432 15.72 -15.50 -17.79
CA LEU A 432 15.87 -14.78 -16.51
C LEU A 432 14.48 -14.56 -15.94
N LEU A 433 14.33 -14.57 -14.61
CA LEU A 433 13.09 -14.06 -13.97
C LEU A 433 13.44 -12.99 -12.92
N GLY A 434 12.75 -11.85 -13.06
CA GLY A 434 12.70 -10.74 -12.10
C GLY A 434 11.54 -10.92 -11.12
N SER A 435 11.80 -10.63 -9.86
CA SER A 435 10.85 -10.80 -8.73
C SER A 435 10.98 -9.56 -7.85
N TYR A 436 9.95 -8.71 -7.79
CA TYR A 436 9.92 -7.47 -6.97
C TYR A 436 8.57 -7.38 -6.23
N GLY A 437 8.33 -6.27 -5.53
CA GLY A 437 7.06 -5.99 -4.84
C GLY A 437 7.22 -5.32 -3.49
N ASP A 438 8.25 -5.67 -2.73
CA ASP A 438 8.44 -5.15 -1.34
C ASP A 438 9.17 -3.79 -1.38
N MET A 439 9.20 -3.09 -0.25
CA MET A 439 9.86 -1.76 -0.08
C MET A 439 9.35 -0.76 -1.13
N GLU A 440 8.03 -0.75 -1.35
CA GLU A 440 7.32 0.20 -2.24
C GLU A 440 7.62 -0.09 -3.71
N THR A 441 8.39 -1.14 -4.04
CA THR A 441 8.79 -1.40 -5.44
C THR A 441 7.55 -1.71 -6.29
N GLU A 442 6.48 -2.22 -5.67
CA GLU A 442 5.15 -2.29 -6.32
C GLU A 442 4.84 -0.93 -7.00
N THR A 443 5.03 0.21 -6.31
CA THR A 443 4.60 1.54 -6.83
C THR A 443 5.61 2.03 -7.89
N PHE A 444 6.89 1.72 -7.74
CA PHE A 444 7.92 2.02 -8.79
C PHE A 444 7.46 1.41 -10.11
N TRP A 445 7.15 0.10 -10.11
CA TRP A 445 6.89 -0.68 -11.35
C TRP A 445 5.46 -0.49 -11.88
N LYS A 446 4.49 -0.16 -11.02
CA LYS A 446 3.05 -0.13 -11.40
C LYS A 446 2.82 0.81 -12.59
N ALA A 447 3.38 2.02 -12.51
CA ALA A 447 3.30 3.05 -13.56
C ALA A 447 3.79 2.46 -14.90
N LEU A 448 4.86 1.67 -14.86
CA LEU A 448 5.49 1.07 -16.07
C LEU A 448 4.60 -0.09 -16.58
N SER A 449 4.14 -0.96 -15.69
CA SER A 449 3.32 -2.16 -16.03
C SER A 449 1.92 -1.73 -16.50
N ASP A 450 1.44 -0.54 -16.08
CA ASP A 450 0.10 -0.01 -16.49
C ASP A 450 0.20 0.68 -17.85
N ASP A 451 1.40 1.00 -18.35
CA ASP A 451 1.55 1.68 -19.66
C ASP A 451 0.98 0.77 -20.75
N LYS A 452 0.46 1.32 -21.85
CA LYS A 452 -0.36 0.54 -22.82
C LYS A 452 0.55 -0.07 -23.89
N VAL A 453 1.74 0.50 -24.16
CA VAL A 453 2.62 0.03 -25.27
C VAL A 453 3.41 -1.19 -24.80
N LEU A 454 3.11 -2.33 -25.42
CA LEU A 454 3.65 -3.66 -25.05
C LEU A 454 4.94 -3.92 -25.80
N PHE A 455 5.85 -4.63 -25.13
CA PHE A 455 7.05 -5.21 -25.74
C PHE A 455 6.64 -6.05 -26.96
N GLU A 456 7.33 -5.87 -28.08
CA GLU A 456 7.13 -6.63 -29.34
C GLU A 456 8.06 -7.83 -29.33
N VAL A 457 7.51 -9.04 -29.49
CA VAL A 457 8.29 -10.28 -29.67
C VAL A 457 9.16 -10.16 -30.93
N LYS A 458 10.24 -10.92 -30.96
CA LYS A 458 11.33 -10.84 -31.97
C LYS A 458 11.84 -12.28 -32.17
N ALA A 459 11.88 -12.73 -33.43
CA ALA A 459 12.33 -14.09 -33.82
C ALA A 459 13.69 -14.39 -33.19
N ALA A 460 13.91 -15.66 -32.85
CA ALA A 460 15.17 -16.19 -32.29
C ALA A 460 15.21 -17.69 -32.59
N LYS A 461 16.32 -18.34 -32.26
CA LYS A 461 16.57 -19.78 -32.52
C LYS A 461 15.34 -20.58 -32.06
N SER A 462 14.66 -21.29 -32.98
CA SER A 462 13.60 -22.27 -32.67
C SER A 462 12.35 -21.56 -32.12
N ALA A 463 12.23 -20.26 -32.38
CA ALA A 463 11.09 -19.42 -31.95
C ALA A 463 10.70 -18.49 -33.11
N SER A 464 9.73 -18.95 -33.91
CA SER A 464 9.13 -18.19 -35.03
C SER A 464 8.20 -17.11 -34.47
N LEU A 465 8.00 -16.04 -35.24
CA LEU A 465 7.01 -14.97 -34.93
C LEU A 465 5.61 -15.59 -34.83
N ARG A 466 5.31 -16.61 -35.64
CA ARG A 466 4.09 -17.46 -35.54
C ARG A 466 3.83 -17.84 -34.08
N GLU A 467 4.81 -18.49 -33.44
CA GLU A 467 4.72 -19.10 -32.08
C GLU A 467 4.71 -18.00 -31.02
N LEU A 468 5.49 -16.94 -31.24
CA LEU A 468 5.72 -15.88 -30.23
C LEU A 468 4.52 -14.92 -30.16
N HIS A 469 3.84 -14.64 -31.28
CA HIS A 469 2.63 -13.77 -31.33
C HIS A 469 1.47 -14.43 -30.56
N GLN A 470 1.55 -15.73 -30.25
CA GLN A 470 0.60 -16.40 -29.32
C GLN A 470 0.72 -15.81 -27.91
N LEU A 471 1.88 -15.24 -27.54
CA LEU A 471 2.12 -14.61 -26.20
C LEU A 471 2.08 -13.07 -26.29
N ASP A 472 1.50 -12.49 -27.35
CA ASP A 472 1.46 -11.01 -27.53
C ASP A 472 0.84 -10.36 -26.29
N ASP A 473 -0.27 -10.89 -25.77
CA ASP A 473 -1.10 -10.25 -24.71
C ASP A 473 -0.51 -10.43 -23.31
N VAL A 474 0.57 -11.20 -23.15
CA VAL A 474 1.20 -11.43 -21.80
C VAL A 474 2.59 -10.77 -21.78
N GLN A 475 2.99 -10.09 -22.85
CA GLN A 475 4.30 -9.40 -22.88
C GLN A 475 4.31 -8.30 -21.83
N ALA A 476 5.43 -8.12 -21.16
CA ALA A 476 5.68 -6.93 -20.33
C ALA A 476 5.57 -5.69 -21.22
N THR A 477 5.43 -4.51 -20.61
CA THR A 477 5.39 -3.22 -21.33
C THR A 477 6.81 -2.87 -21.77
N LYS A 478 6.96 -2.08 -22.86
CA LYS A 478 8.27 -1.58 -23.33
C LYS A 478 8.98 -0.85 -22.19
N LEU A 479 8.27 0.02 -21.47
CA LEU A 479 8.88 0.84 -20.37
C LEU A 479 9.42 -0.09 -19.28
N MET A 480 8.68 -1.13 -18.92
CA MET A 480 9.12 -2.07 -17.84
C MET A 480 10.37 -2.83 -18.32
N VAL A 481 10.34 -3.38 -19.53
CA VAL A 481 11.50 -4.10 -20.12
C VAL A 481 12.67 -3.13 -20.26
N GLY A 482 12.42 -1.95 -20.82
CA GLY A 482 13.40 -0.86 -20.88
C GLY A 482 14.09 -0.65 -19.55
N GLU A 483 13.31 -0.37 -18.49
CA GLU A 483 13.89 0.02 -17.18
C GLU A 483 14.55 -1.20 -16.52
N LEU A 484 13.99 -2.39 -16.71
CA LEU A 484 14.58 -3.63 -16.14
C LEU A 484 15.95 -3.90 -16.81
N MET A 485 16.02 -3.78 -18.14
CA MET A 485 17.33 -3.82 -18.88
C MET A 485 18.30 -2.80 -18.27
N ASN A 486 17.83 -1.58 -18.00
CA ASN A 486 18.70 -0.49 -17.48
C ASN A 486 19.21 -0.90 -16.08
N GLN A 487 18.35 -1.46 -15.24
CA GLN A 487 18.72 -1.89 -13.88
C GLN A 487 19.60 -3.15 -13.94
N LEU A 488 19.38 -4.04 -14.92
CA LEU A 488 20.22 -5.27 -15.03
C LEU A 488 21.64 -4.85 -15.45
N ARG A 489 21.79 -3.81 -16.27
CA ARG A 489 23.15 -3.31 -16.66
C ARG A 489 23.82 -2.70 -15.44
N GLU A 490 23.11 -1.95 -14.60
CA GLU A 490 23.73 -1.29 -13.41
C GLU A 490 24.09 -2.40 -12.42
N LEU A 491 23.22 -3.40 -12.27
CA LEU A 491 23.43 -4.53 -11.33
C LEU A 491 24.73 -5.26 -11.66
N HIS A 492 24.90 -5.68 -12.92
CA HIS A 492 26.01 -6.58 -13.35
C HIS A 492 27.29 -5.76 -13.62
N GLY A 493 27.15 -4.49 -14.02
CA GLY A 493 28.30 -3.61 -14.31
C GLY A 493 28.64 -3.60 -15.78
N ASP A 494 29.70 -2.88 -16.15
CA ASP A 494 29.99 -2.51 -17.57
C ASP A 494 30.75 -3.64 -18.28
N THR A 495 31.34 -4.60 -17.53
CA THR A 495 32.22 -5.68 -18.08
C THR A 495 31.42 -6.66 -18.94
N VAL A 496 30.08 -6.66 -18.86
CA VAL A 496 29.23 -7.64 -19.59
C VAL A 496 28.18 -6.89 -20.41
N THR A 497 28.19 -7.09 -21.72
CA THR A 497 27.12 -6.66 -22.65
C THR A 497 25.87 -7.49 -22.36
N ILE A 498 24.69 -6.85 -22.27
CA ILE A 498 23.38 -7.54 -22.12
C ILE A 498 22.54 -7.26 -23.36
N PRO A 499 22.21 -8.29 -24.17
CA PRO A 499 21.40 -8.08 -25.36
C PRO A 499 19.94 -7.84 -24.98
N GLU A 500 19.12 -7.40 -25.93
CA GLU A 500 17.65 -7.24 -25.73
C GLU A 500 17.04 -8.64 -25.71
N PRO A 501 15.96 -8.87 -24.93
CA PRO A 501 15.29 -10.16 -24.94
C PRO A 501 14.50 -10.31 -26.23
N TYR A 502 14.15 -11.54 -26.59
CA TYR A 502 13.27 -11.81 -27.77
C TYR A 502 11.82 -12.02 -27.32
N VAL A 503 11.61 -12.39 -26.07
CA VAL A 503 10.26 -12.74 -25.54
C VAL A 503 10.23 -12.41 -24.05
N THR A 504 9.08 -11.95 -23.55
CA THR A 504 8.85 -11.76 -22.09
C THR A 504 7.54 -12.42 -21.70
N TYR A 505 7.32 -12.55 -20.39
CA TYR A 505 6.05 -13.00 -19.78
C TYR A 505 5.89 -12.25 -18.45
N PHE A 506 4.89 -11.35 -18.35
CA PHE A 506 4.62 -10.56 -17.13
C PHE A 506 3.47 -11.19 -16.35
N LYS A 507 3.64 -11.37 -15.03
CA LYS A 507 2.56 -11.86 -14.14
C LYS A 507 2.45 -10.95 -12.91
N ASP A 508 1.24 -10.47 -12.62
CA ASP A 508 0.95 -9.57 -11.48
C ASP A 508 0.01 -10.32 -10.53
N TRP A 509 0.48 -10.79 -9.39
CA TRP A 509 -0.35 -11.58 -8.45
C TRP A 509 -1.22 -10.66 -7.59
N THR A 510 -1.06 -9.34 -7.69
CA THR A 510 -1.98 -8.37 -7.03
C THR A 510 -3.28 -8.27 -7.82
N ASP A 511 -3.33 -8.77 -9.06
CA ASP A 511 -4.57 -8.82 -9.87
C ASP A 511 -5.66 -9.56 -9.10
N GLU A 512 -6.92 -9.16 -9.30
CA GLU A 512 -8.08 -9.93 -8.83
C GLU A 512 -8.05 -11.28 -9.53
N PRO A 513 -8.47 -12.38 -8.88
CA PRO A 513 -8.99 -12.36 -7.50
C PRO A 513 -7.95 -12.58 -6.38
N PHE A 514 -6.66 -12.70 -6.71
CA PHE A 514 -5.56 -13.07 -5.78
C PHE A 514 -5.27 -11.95 -4.80
N GLY A 515 -5.10 -10.72 -5.32
CA GLY A 515 -4.81 -9.51 -4.52
C GLY A 515 -3.51 -9.61 -3.72
N ALA A 516 -2.72 -10.65 -3.93
CA ALA A 516 -1.47 -10.90 -3.17
C ALA A 516 -0.72 -12.09 -3.75
N GLY A 517 0.59 -12.09 -3.61
CA GLY A 517 1.43 -13.28 -3.84
C GLY A 517 1.30 -14.23 -2.68
N TYR A 518 1.20 -13.68 -1.48
CA TYR A 518 1.18 -14.47 -0.23
C TYR A 518 0.73 -13.57 0.92
N HIS A 519 0.48 -14.15 2.09
CA HIS A 519 -0.15 -13.43 3.22
C HIS A 519 0.77 -13.50 4.44
N ALA A 520 0.56 -12.61 5.39
CA ALA A 520 1.44 -12.51 6.57
C ALA A 520 0.58 -12.09 7.76
N TRP A 521 0.57 -12.93 8.80
CA TRP A 521 -0.16 -12.63 10.06
C TRP A 521 0.24 -11.22 10.52
N LYS A 522 -0.76 -10.44 10.92
CA LYS A 522 -0.58 -9.14 11.58
C LYS A 522 -0.15 -9.39 13.04
N ALA A 523 0.66 -8.48 13.59
CA ALA A 523 0.93 -8.37 15.03
C ALA A 523 -0.39 -8.31 15.79
N GLY A 524 -0.46 -8.88 16.98
CA GLY A 524 -1.57 -8.65 17.92
C GLY A 524 -2.79 -9.54 17.69
N PHE A 525 -2.72 -10.50 16.75
CA PHE A 525 -3.78 -11.52 16.52
C PHE A 525 -3.33 -12.83 17.15
N SER A 526 -4.27 -13.56 17.77
CA SER A 526 -4.09 -14.94 18.28
C SER A 526 -4.20 -15.91 17.11
N VAL A 527 -3.08 -16.17 16.45
CA VAL A 527 -3.00 -17.04 15.23
C VAL A 527 -3.47 -18.46 15.59
N GLU A 528 -3.07 -18.97 16.76
CA GLU A 528 -3.54 -20.26 17.33
C GLU A 528 -5.07 -20.30 17.40
N ASN A 529 -5.75 -19.15 17.56
CA ASN A 529 -7.23 -19.07 17.64
C ASN A 529 -7.85 -18.70 16.28
N VAL A 530 -7.15 -17.97 15.42
CA VAL A 530 -7.73 -17.51 14.13
C VAL A 530 -7.82 -18.71 13.17
N MET A 531 -6.77 -19.52 13.07
CA MET A 531 -6.70 -20.65 12.10
C MET A 531 -7.90 -21.58 12.30
N PRO A 532 -8.10 -22.18 13.50
CA PRO A 532 -9.24 -23.06 13.71
C PRO A 532 -10.58 -22.37 13.46
N TYR A 533 -10.67 -21.08 13.78
CA TYR A 533 -11.88 -20.28 13.50
C TYR A 533 -12.13 -20.26 11.98
N MET A 534 -11.10 -19.99 11.15
CA MET A 534 -11.30 -19.77 9.68
C MET A 534 -11.76 -21.09 9.01
N ARG A 535 -11.30 -22.24 9.51
CA ARG A 535 -11.67 -23.58 8.97
C ARG A 535 -13.18 -23.83 9.15
N LYS A 536 -13.87 -23.06 10.01
CA LYS A 536 -15.36 -23.13 10.14
C LYS A 536 -15.82 -21.94 10.97
N PRO A 537 -15.98 -20.73 10.38
CA PRO A 537 -16.24 -19.51 11.14
C PRO A 537 -17.52 -19.47 11.99
N LEU A 538 -18.62 -20.00 11.46
CA LEU A 538 -19.94 -20.02 12.15
C LEU A 538 -20.30 -21.45 12.58
N THR A 539 -20.67 -21.63 13.85
CA THR A 539 -20.90 -22.97 14.49
C THR A 539 -22.08 -23.69 13.81
N ASP A 540 -23.05 -22.95 13.26
CA ASP A 540 -24.30 -23.54 12.70
C ASP A 540 -24.27 -23.57 11.16
N GLU A 541 -23.13 -23.30 10.52
CA GLU A 541 -23.01 -23.30 9.03
C GLU A 541 -21.88 -24.25 8.59
N GLN A 542 -22.10 -24.99 7.50
CA GLN A 542 -21.11 -25.94 6.92
C GLN A 542 -20.35 -25.19 5.81
N ILE A 543 -19.65 -24.14 6.23
CA ILE A 543 -18.85 -23.22 5.36
C ILE A 543 -17.49 -23.12 6.01
N HIS A 544 -16.47 -23.41 5.20
CA HIS A 544 -15.06 -23.58 5.61
C HIS A 544 -14.19 -22.70 4.71
N ILE A 545 -13.14 -22.11 5.28
CA ILE A 545 -12.09 -21.38 4.50
C ILE A 545 -10.80 -22.14 4.69
N CYS A 546 -10.06 -22.37 3.60
CA CYS A 546 -8.78 -23.12 3.62
C CYS A 546 -7.94 -22.55 2.49
N GLY A 547 -6.66 -22.93 2.44
CA GLY A 547 -5.66 -22.33 1.54
C GLY A 547 -4.51 -21.71 2.34
N GLU A 548 -3.57 -21.09 1.64
CA GLU A 548 -2.30 -20.56 2.19
C GLU A 548 -2.55 -19.34 3.09
N ALA A 549 -3.54 -18.49 2.79
CA ALA A 549 -3.70 -17.14 3.38
C ALA A 549 -3.79 -17.21 4.92
N TYR A 550 -4.59 -18.13 5.48
CA TYR A 550 -4.77 -18.25 6.96
C TYR A 550 -4.10 -19.53 7.45
N SER A 551 -3.01 -19.95 6.82
CA SER A 551 -2.14 -21.08 7.25
C SER A 551 -1.04 -20.54 8.19
N ASP A 552 -0.33 -21.42 8.89
CA ASP A 552 0.88 -21.04 9.66
C ASP A 552 2.10 -21.42 8.84
N GLN A 553 1.93 -21.72 7.54
CA GLN A 553 3.07 -21.86 6.61
C GLN A 553 2.76 -20.98 5.39
N GLN A 554 2.52 -19.70 5.66
CA GLN A 554 2.26 -18.67 4.62
C GLN A 554 3.42 -18.68 3.65
N GLY A 555 3.13 -18.49 2.37
CA GLY A 555 4.10 -18.41 1.28
C GLY A 555 4.39 -19.76 0.69
N TRP A 556 3.67 -20.81 1.11
CA TRP A 556 3.98 -22.22 0.72
C TRP A 556 2.72 -23.00 0.33
N VAL A 557 2.87 -23.89 -0.65
CA VAL A 557 1.84 -24.92 -0.95
C VAL A 557 1.55 -25.71 0.34
N GLU A 558 2.58 -26.05 1.12
CA GLU A 558 2.37 -26.86 2.35
C GLU A 558 1.34 -26.19 3.25
N GLY A 559 1.35 -24.86 3.34
CA GLY A 559 0.36 -24.14 4.14
C GLY A 559 -1.06 -24.44 3.67
N ALA A 560 -1.26 -24.40 2.36
CA ALA A 560 -2.57 -24.61 1.73
C ALA A 560 -3.00 -26.08 1.97
N PHE A 561 -2.13 -27.04 1.71
CA PHE A 561 -2.44 -28.47 1.93
C PHE A 561 -2.76 -28.73 3.41
N CYS A 562 -2.00 -28.12 4.34
CA CYS A 562 -2.15 -28.39 5.80
C CYS A 562 -3.49 -27.86 6.29
N GLU A 563 -3.90 -26.65 5.89
CA GLU A 563 -5.19 -26.10 6.38
C GLU A 563 -6.32 -26.97 5.82
N ALA A 564 -6.24 -27.36 4.56
CA ALA A 564 -7.25 -28.26 3.94
C ALA A 564 -7.30 -29.56 4.75
N GLU A 565 -6.14 -30.13 5.08
CA GLU A 565 -6.02 -31.43 5.79
C GLU A 565 -6.66 -31.31 7.17
N LYS A 566 -6.39 -30.22 7.90
CA LYS A 566 -6.97 -30.01 9.25
C LYS A 566 -8.48 -29.92 9.09
N MET A 567 -8.95 -29.08 8.16
CA MET A 567 -10.39 -28.92 7.83
C MET A 567 -11.01 -30.31 7.60
N LEU A 568 -10.34 -31.16 6.81
CA LEU A 568 -10.87 -32.50 6.44
C LEU A 568 -10.99 -33.40 7.68
N GLN A 569 -10.02 -33.39 8.58
CA GLN A 569 -10.05 -34.28 9.78
C GLN A 569 -11.06 -33.71 10.78
N GLU A 570 -11.12 -32.40 10.89
CA GLU A 570 -12.04 -31.72 11.84
C GLU A 570 -13.49 -31.91 11.44
N TYR A 571 -13.86 -31.73 10.16
CA TYR A 571 -15.29 -31.55 9.79
C TYR A 571 -15.76 -32.57 8.75
N PHE A 572 -14.87 -33.31 8.08
CA PHE A 572 -15.27 -34.24 6.99
C PHE A 572 -15.03 -35.69 7.38
N GLY A 573 -14.63 -35.94 8.62
CA GLY A 573 -14.57 -37.29 9.23
C GLY A 573 -13.44 -38.11 8.68
N LEU A 574 -12.45 -37.48 8.05
CA LEU A 574 -11.28 -38.21 7.47
C LEU A 574 -10.22 -38.43 8.56
N ASP A 575 -9.54 -39.56 8.46
CA ASP A 575 -8.28 -39.84 9.17
C ASP A 575 -7.12 -39.28 8.35
N ARG A 576 -6.02 -39.03 9.04
CA ARG A 576 -4.69 -38.84 8.41
C ARG A 576 -4.60 -39.80 7.22
N PRO A 577 -4.12 -39.33 6.05
CA PRO A 577 -3.80 -40.23 4.95
C PRO A 577 -2.80 -41.32 5.38
N TYR A 578 -2.96 -42.53 4.83
CA TYR A 578 -2.09 -43.70 5.11
C TYR A 578 -0.67 -43.36 4.66
N TRP A 579 -0.50 -42.55 3.62
CA TRP A 579 0.84 -42.15 3.08
C TRP A 579 1.48 -41.05 3.93
N LEU A 580 0.78 -40.50 4.91
CA LEU A 580 1.35 -39.40 5.73
C LEU A 580 1.74 -39.89 7.13
N SER A 581 3.04 -39.79 7.47
CA SER A 581 3.62 -40.18 8.78
C SER A 581 2.77 -39.64 9.91
N PRO A 582 2.29 -40.49 10.85
CA PRO A 582 1.66 -40.00 12.07
C PRO A 582 2.47 -38.96 12.87
N ASP A 583 3.78 -38.82 12.62
CA ASP A 583 4.68 -37.96 13.45
C ASP A 583 4.88 -36.58 12.80
N TYR A 584 4.37 -36.35 11.58
CA TYR A 584 4.35 -35.01 10.95
C TYR A 584 3.36 -34.12 11.70
N TYR A 585 3.84 -33.02 12.28
CA TYR A 585 3.05 -32.23 13.26
C TYR A 585 2.14 -31.30 12.47
N LEU A 586 0.85 -31.27 12.78
CA LEU A 586 -0.16 -30.52 11.98
C LEU A 586 -0.66 -29.28 12.75
N GLY A 587 -1.20 -29.44 13.96
CA GLY A 587 -1.80 -28.32 14.72
C GLY A 587 -2.58 -28.82 15.91
N TRP A 588 -3.39 -27.98 16.57
CA TRP A 588 -4.10 -28.39 17.82
C TRP A 588 -5.30 -29.28 17.47
N GLU A 589 -6.10 -28.94 16.45
CA GLU A 589 -7.34 -29.65 16.05
C GLU A 589 -8.50 -29.27 16.99
N GLY B 2 -18.91 31.07 20.18
CA GLY B 2 -17.96 31.53 19.14
C GLY B 2 -18.40 31.14 17.74
N ASN B 3 -17.54 31.38 16.76
CA ASN B 3 -17.84 31.18 15.31
C ASN B 3 -17.88 29.70 14.92
N LYS B 4 -17.36 28.79 15.77
CA LYS B 4 -17.24 27.34 15.44
C LYS B 4 -18.40 26.55 16.02
N ASN B 5 -19.44 27.21 16.52
CA ASN B 5 -20.67 26.53 17.02
C ASN B 5 -21.72 26.55 15.90
N THR B 6 -21.33 26.58 14.62
CA THR B 6 -22.28 26.47 13.49
C THR B 6 -23.28 25.35 13.80
N PRO B 7 -24.62 25.59 13.83
CA PRO B 7 -25.59 24.52 14.09
C PRO B 7 -25.49 23.36 13.08
N LEU B 8 -25.57 22.15 13.63
CA LEU B 8 -25.54 20.87 12.89
C LEU B 8 -26.76 20.06 13.29
N ASN B 9 -27.53 19.60 12.29
CA ASN B 9 -28.75 18.80 12.52
C ASN B 9 -28.45 17.31 12.33
N SER B 10 -28.34 16.58 13.44
CA SER B 10 -28.16 15.11 13.54
C SER B 10 -29.49 14.37 13.36
N GLY B 11 -30.59 15.12 13.24
CA GLY B 11 -31.93 14.56 13.00
C GLY B 11 -32.13 14.17 11.56
N LYS B 12 -33.38 13.99 11.18
CA LYS B 12 -33.80 13.63 9.81
C LYS B 12 -35.14 14.32 9.51
N HIS B 13 -35.46 14.43 8.23
CA HIS B 13 -36.73 14.95 7.68
C HIS B 13 -37.15 14.01 6.55
N PRO B 14 -37.80 12.86 6.87
CA PRO B 14 -38.19 11.91 5.85
C PRO B 14 -38.85 12.60 4.65
N ASP B 15 -38.41 12.24 3.44
CA ASP B 15 -38.99 12.65 2.14
C ASP B 15 -38.80 14.16 1.91
N LEU B 16 -37.76 14.75 2.52
CA LEU B 16 -37.30 16.14 2.21
C LEU B 16 -37.18 16.30 0.69
N LYS B 17 -37.75 17.38 0.13
CA LYS B 17 -37.74 17.72 -1.32
C LYS B 17 -36.97 19.02 -1.52
N ILE B 18 -35.90 18.99 -2.30
CA ILE B 18 -34.95 20.12 -2.51
C ILE B 18 -34.49 20.08 -3.98
N GLU B 19 -33.61 20.99 -4.38
CA GLU B 19 -33.09 21.02 -5.76
C GLU B 19 -31.68 20.40 -5.79
N VAL B 20 -30.81 20.83 -4.89
CA VAL B 20 -29.35 20.48 -4.88
C VAL B 20 -29.01 19.84 -3.54
N ALA B 21 -28.72 18.53 -3.58
CA ALA B 21 -28.16 17.77 -2.43
C ALA B 21 -26.64 17.81 -2.55
N ILE B 22 -25.99 18.47 -1.59
CA ILE B 22 -24.51 18.53 -1.48
C ILE B 22 -24.08 17.54 -0.40
N ILE B 23 -23.34 16.52 -0.79
CA ILE B 23 -22.88 15.49 0.17
C ILE B 23 -21.40 15.74 0.40
N GLY B 24 -21.09 16.11 1.64
CA GLY B 24 -19.77 16.48 2.14
C GLY B 24 -19.76 17.92 2.59
N ALA B 25 -19.61 18.15 3.89
CA ALA B 25 -19.45 19.47 4.53
C ALA B 25 -17.96 19.75 4.72
N GLY B 26 -17.15 19.36 3.74
CA GLY B 26 -15.75 19.79 3.62
C GLY B 26 -15.69 21.12 2.89
N THR B 27 -14.48 21.64 2.62
CA THR B 27 -14.28 22.96 1.98
C THR B 27 -15.09 23.05 0.67
N SER B 28 -15.03 22.05 -0.22
CA SER B 28 -15.71 22.14 -1.55
C SER B 28 -17.23 22.14 -1.37
N GLY B 29 -17.78 21.27 -0.53
CA GLY B 29 -19.25 21.21 -0.34
C GLY B 29 -19.78 22.52 0.25
N LEU B 30 -19.17 22.98 1.33
CA LEU B 30 -19.50 24.26 2.01
C LEU B 30 -19.46 25.40 1.00
N TYR B 31 -18.41 25.48 0.18
CA TYR B 31 -18.24 26.56 -0.82
C TYR B 31 -19.32 26.46 -1.92
N THR B 32 -19.68 25.26 -2.36
CA THR B 32 -20.76 25.06 -3.34
C THR B 32 -22.07 25.65 -2.78
N ALA B 33 -22.39 25.32 -1.51
CA ALA B 33 -23.65 25.74 -0.87
C ALA B 33 -23.63 27.25 -0.76
N TYR B 34 -22.53 27.79 -0.23
CA TYR B 34 -22.31 29.25 -0.02
C TYR B 34 -22.53 29.95 -1.35
N ARG B 35 -21.91 29.49 -2.44
CA ARG B 35 -21.95 30.22 -3.74
C ARG B 35 -23.37 30.21 -4.31
N LEU B 36 -24.03 29.05 -4.31
CA LEU B 36 -25.39 28.86 -4.87
C LEU B 36 -26.39 29.81 -4.19
N VAL B 37 -26.40 29.90 -2.87
CA VAL B 37 -27.38 30.75 -2.11
C VAL B 37 -26.96 32.23 -2.17
N THR B 38 -25.66 32.55 -2.09
CA THR B 38 -25.22 33.98 -2.08
C THR B 38 -25.57 34.64 -3.43
N ASP B 39 -25.51 33.88 -4.52
CA ASP B 39 -25.83 34.35 -5.89
C ASP B 39 -27.30 34.11 -6.19
N LYS B 40 -28.08 33.67 -5.20
CA LYS B 40 -29.55 33.56 -5.30
C LYS B 40 -29.92 32.65 -6.47
N LYS B 41 -29.13 31.60 -6.71
CA LYS B 41 -29.45 30.64 -7.79
C LYS B 41 -30.60 29.74 -7.31
N PHE B 42 -30.70 29.55 -6.00
CA PHE B 42 -31.78 28.79 -5.35
C PHE B 42 -32.06 29.43 -3.99
N LYS B 43 -33.25 29.21 -3.45
CA LYS B 43 -33.52 29.56 -2.04
C LYS B 43 -32.76 28.57 -1.16
N ALA B 44 -32.29 29.05 0.00
CA ALA B 44 -31.44 28.25 0.93
C ALA B 44 -32.13 26.94 1.31
N HIS B 45 -33.46 26.87 1.44
CA HIS B 45 -34.17 25.60 1.76
C HIS B 45 -33.95 24.56 0.66
N ASP B 46 -33.67 24.97 -0.59
CA ASP B 46 -33.55 24.08 -1.77
C ASP B 46 -32.09 23.63 -2.00
N VAL B 47 -31.14 24.15 -1.22
CA VAL B 47 -29.71 23.73 -1.23
C VAL B 47 -29.33 23.28 0.18
N GLN B 48 -29.18 21.97 0.37
CA GLN B 48 -28.87 21.36 1.68
C GLN B 48 -27.56 20.56 1.61
N ILE B 49 -26.79 20.61 2.69
CA ILE B 49 -25.50 19.88 2.89
C ILE B 49 -25.76 18.74 3.86
N PHE B 50 -25.19 17.57 3.55
CA PHE B 50 -25.26 16.34 4.36
C PHE B 50 -23.84 15.84 4.60
N ASP B 51 -23.57 15.43 5.83
CA ASP B 51 -22.25 14.88 6.24
C ASP B 51 -22.47 13.79 7.27
N MET B 52 -21.67 12.73 7.18
CA MET B 52 -21.71 11.58 8.11
C MET B 52 -20.94 11.94 9.39
N ASN B 53 -20.14 12.99 9.39
CA ASN B 53 -19.33 13.36 10.57
C ASN B 53 -20.19 14.14 11.55
N ASN B 54 -19.68 14.32 12.77
CA ASN B 54 -20.36 15.08 13.85
C ASN B 54 -19.74 16.48 13.91
N LYS B 55 -18.95 16.87 12.90
CA LYS B 55 -18.45 18.25 12.67
C LYS B 55 -18.40 18.52 11.16
N LEU B 56 -18.44 19.81 10.79
CA LEU B 56 -18.12 20.27 9.42
C LEU B 56 -16.59 20.43 9.31
N GLY B 57 -16.08 20.56 8.08
CA GLY B 57 -14.67 20.92 7.83
C GLY B 57 -13.87 19.80 7.18
N GLY B 58 -14.31 18.56 7.30
CA GLY B 58 -13.63 17.40 6.69
C GLY B 58 -12.17 17.35 7.11
N ARG B 59 -11.25 17.55 6.16
CA ARG B 59 -9.80 17.40 6.41
C ARG B 59 -9.19 18.68 6.97
N LEU B 60 -10.02 19.69 7.30
CA LEU B 60 -9.66 20.78 8.26
C LEU B 60 -10.27 20.43 9.63
N GLU B 61 -9.44 20.32 10.66
CA GLU B 61 -9.90 20.03 12.04
C GLU B 61 -8.89 20.61 13.01
N SER B 62 -9.24 21.76 13.62
CA SER B 62 -8.39 22.48 14.60
C SER B 62 -8.84 22.10 16.01
N VAL B 63 -7.93 22.00 16.97
CA VAL B 63 -8.24 21.58 18.36
C VAL B 63 -7.42 22.42 19.35
N ILE B 64 -8.03 22.72 20.48
CA ILE B 64 -7.39 23.35 21.67
C ILE B 64 -7.30 22.26 22.73
N MET B 65 -6.08 21.89 23.11
CA MET B 65 -5.82 20.85 24.12
C MET B 65 -5.57 21.53 25.48
N PRO B 66 -6.13 20.96 26.58
CA PRO B 66 -6.00 21.56 27.91
C PRO B 66 -4.54 21.87 28.24
N GLY B 67 -4.31 23.04 28.82
CA GLY B 67 -2.98 23.50 29.28
C GLY B 67 -2.30 24.37 28.25
N MET B 68 -2.80 24.38 27.01
CA MET B 68 -2.19 25.10 25.86
C MET B 68 -3.26 25.95 25.17
N ASN B 69 -3.19 27.28 25.34
CA ASN B 69 -4.20 28.21 24.78
C ASN B 69 -3.72 28.73 23.43
N PHE B 70 -3.79 27.86 22.42
CA PHE B 70 -3.57 28.14 20.99
C PHE B 70 -4.04 26.90 20.21
N TRP B 71 -4.32 27.06 18.92
CA TRP B 71 -4.95 26.00 18.08
C TRP B 71 -3.88 25.06 17.56
N GLY B 72 -4.03 23.76 17.85
CA GLY B 72 -3.34 22.67 17.14
C GLY B 72 -4.11 22.32 15.89
N GLU B 73 -3.43 21.81 14.85
CA GLU B 73 -4.06 21.35 13.59
C GLU B 73 -3.94 19.83 13.46
N LEU B 74 -5.06 19.13 13.39
CA LEU B 74 -5.11 17.68 13.05
C LEU B 74 -4.98 17.46 11.55
N GLY B 75 -5.51 18.39 10.75
CA GLY B 75 -5.49 18.29 9.27
C GLY B 75 -4.69 19.43 8.67
N GLY B 76 -5.23 20.10 7.66
CA GLY B 76 -4.55 21.24 7.01
C GLY B 76 -4.16 22.32 8.00
N MET B 77 -3.09 23.08 7.70
CA MET B 77 -2.50 24.09 8.62
C MET B 77 -2.24 25.45 7.94
N ARG B 78 -2.05 25.53 6.62
CA ARG B 78 -1.53 26.79 6.03
C ARG B 78 -2.05 27.04 4.62
N TYR B 79 -1.96 28.27 4.16
CA TYR B 79 -2.29 28.65 2.77
C TYR B 79 -1.17 29.50 2.19
N LEU B 80 -1.18 29.65 0.87
CA LEU B 80 -0.27 30.55 0.10
C LEU B 80 -1.09 31.71 -0.45
N THR B 81 -0.57 32.94 -0.38
CA THR B 81 -1.28 34.17 -0.80
C THR B 81 -1.51 34.19 -2.32
N SER B 82 -0.83 33.33 -3.08
CA SER B 82 -1.04 33.13 -4.53
C SER B 82 -2.26 32.23 -4.79
N GLN B 83 -2.75 31.52 -3.78
CA GLN B 83 -4.02 30.75 -3.85
C GLN B 83 -5.17 31.73 -3.60
N GLN B 84 -5.75 32.29 -4.67
CA GLN B 84 -6.51 33.56 -4.58
C GLN B 84 -7.90 33.35 -3.97
N ILE B 85 -8.52 32.18 -4.13
CA ILE B 85 -9.85 31.95 -3.49
C ILE B 85 -9.68 31.89 -1.98
N VAL B 86 -8.84 30.98 -1.47
CA VAL B 86 -8.76 30.84 0.01
C VAL B 86 -8.18 32.14 0.57
N THR B 87 -7.25 32.81 -0.12
CA THR B 87 -6.63 34.06 0.39
C THR B 87 -7.69 35.17 0.45
N THR B 88 -8.49 35.38 -0.60
CA THR B 88 -9.53 36.45 -0.58
C THR B 88 -10.60 36.14 0.48
N LEU B 89 -11.10 34.91 0.54
CA LEU B 89 -12.14 34.52 1.51
C LEU B 89 -11.65 34.75 2.95
N ILE B 90 -10.35 34.56 3.22
CA ILE B 90 -9.78 34.74 4.60
C ILE B 90 -9.55 36.24 4.85
N GLU B 91 -8.94 36.94 3.89
CA GLU B 91 -8.32 38.27 4.12
C GLU B 91 -9.19 39.41 3.54
N GLY B 92 -10.10 39.10 2.63
CA GLY B 92 -10.89 40.13 1.91
C GLY B 92 -10.12 40.69 0.74
N TYR B 93 -10.74 41.61 0.01
CA TYR B 93 -10.24 42.12 -1.30
C TYR B 93 -10.01 43.63 -1.20
N PRO B 94 -9.22 44.22 -2.13
CA PRO B 94 -8.45 43.44 -3.11
C PRO B 94 -7.14 42.92 -2.48
N LEU B 95 -6.45 42.00 -3.17
CA LEU B 95 -5.19 41.38 -2.67
C LEU B 95 -4.00 42.36 -2.84
N SER B 96 -4.15 43.42 -3.64
CA SER B 96 -3.12 44.48 -3.87
C SER B 96 -2.99 45.39 -2.63
N GLU B 97 -4.09 45.65 -1.93
CA GLU B 97 -4.08 46.45 -0.69
C GLU B 97 -3.26 45.70 0.36
N LYS B 98 -2.27 46.33 0.98
CA LYS B 98 -1.43 45.72 2.04
C LYS B 98 -2.09 45.89 3.41
N ASP B 99 -2.83 46.98 3.61
CA ASP B 99 -3.46 47.30 4.93
C ASP B 99 -4.67 46.37 5.09
N PRO B 100 -4.68 45.48 6.11
CA PRO B 100 -5.82 44.60 6.35
C PRO B 100 -7.08 45.42 6.70
N ASN B 101 -6.90 46.62 7.23
CA ASN B 101 -8.00 47.51 7.69
C ASN B 101 -8.72 48.14 6.50
N LYS B 102 -8.04 48.27 5.35
CA LYS B 102 -8.56 48.91 4.12
C LYS B 102 -9.14 47.84 3.18
N ARG B 103 -9.22 46.60 3.65
CA ARG B 103 -9.72 45.45 2.87
C ARG B 103 -11.21 45.27 3.13
N THR B 104 -11.95 44.90 2.09
CA THR B 104 -13.39 44.58 2.16
C THR B 104 -13.51 43.08 2.40
N PRO B 105 -14.02 42.64 3.56
CA PRO B 105 -14.25 41.22 3.81
C PRO B 105 -15.30 40.66 2.84
N VAL B 106 -15.19 39.38 2.53
CA VAL B 106 -16.18 38.61 1.72
C VAL B 106 -17.10 37.86 2.67
N LEU B 107 -16.61 37.45 3.84
CA LEU B 107 -17.33 36.63 4.84
C LEU B 107 -17.35 37.38 6.18
N LYS B 108 -18.40 37.21 6.99
CA LYS B 108 -18.58 38.04 8.21
C LYS B 108 -17.62 37.57 9.31
N ASP B 109 -17.45 36.26 9.52
CA ASP B 109 -16.59 35.71 10.60
C ASP B 109 -15.23 36.41 10.56
N LYS B 110 -14.74 36.89 11.71
CA LYS B 110 -13.41 37.54 11.76
C LYS B 110 -12.35 36.45 11.86
N MET B 111 -11.35 36.54 10.97
CA MET B 111 -10.20 35.60 10.84
C MET B 111 -8.90 36.43 10.83
N THR B 112 -8.01 36.17 11.79
CA THR B 112 -6.69 36.84 11.95
C THR B 112 -5.64 36.06 11.17
N PRO B 113 -5.27 36.54 9.96
CA PRO B 113 -4.14 35.96 9.22
C PRO B 113 -2.83 36.18 9.99
N VAL B 114 -1.96 35.17 10.07
CA VAL B 114 -0.61 35.29 10.67
C VAL B 114 0.39 34.55 9.81
N PRO B 115 1.67 34.97 9.77
CA PRO B 115 2.68 34.25 9.02
C PRO B 115 2.84 32.83 9.60
N PHE B 116 3.11 31.84 8.74
CA PHE B 116 3.36 30.45 9.16
C PHE B 116 4.85 30.35 9.50
N PRO B 117 5.22 30.16 10.78
CA PRO B 117 6.64 30.07 11.16
C PRO B 117 7.43 29.05 10.33
N MET B 118 8.49 29.48 9.65
CA MET B 118 9.37 28.59 8.85
C MET B 118 10.55 28.12 9.73
N GLY B 119 10.95 28.90 10.74
CA GLY B 119 12.03 28.56 11.69
C GLY B 119 13.39 29.00 11.19
N ASP B 120 14.47 28.47 11.81
CA ASP B 120 15.88 28.85 11.56
C ASP B 120 16.65 27.64 11.01
N PRO B 121 17.04 27.59 9.71
CA PRO B 121 17.80 26.46 9.18
C PRO B 121 19.16 26.23 9.85
N SER B 122 19.64 27.20 10.64
CA SER B 122 20.84 27.10 11.52
C SER B 122 20.60 26.04 12.58
N LYS B 123 19.37 25.90 13.06
CA LYS B 123 19.06 25.12 14.30
C LYS B 123 18.19 23.90 14.00
N LEU B 124 17.50 23.87 12.86
CA LEU B 124 16.58 22.76 12.50
C LEU B 124 17.38 21.59 11.91
N LEU B 125 16.93 20.36 12.20
CA LEU B 125 17.71 19.12 11.98
C LEU B 125 17.27 18.42 10.70
N MET B 126 18.26 17.80 10.05
CA MET B 126 18.13 16.81 8.95
C MET B 126 18.93 15.56 9.37
N TYR B 127 18.25 14.48 9.75
CA TYR B 127 18.86 13.26 10.31
C TYR B 127 18.68 12.08 9.33
N LEU B 128 19.69 11.85 8.49
CA LEU B 128 19.67 10.91 7.35
C LEU B 128 20.81 9.89 7.48
N ARG B 129 20.45 8.61 7.62
CA ARG B 129 21.38 7.45 7.71
C ARG B 129 22.37 7.69 8.87
N LYS B 130 21.83 8.14 10.01
CA LYS B 130 22.57 8.33 11.29
C LYS B 130 23.46 9.58 11.30
N GLU B 131 23.46 10.40 10.24
CA GLU B 131 24.22 11.69 10.20
C GLU B 131 23.28 12.85 10.51
N ARG B 132 23.54 13.57 11.60
CA ARG B 132 22.75 14.74 12.06
C ARG B 132 23.37 16.01 11.46
N PHE B 133 22.79 16.52 10.37
CA PHE B 133 23.09 17.86 9.79
C PHE B 133 22.17 18.92 10.39
N LYS B 134 22.60 20.17 10.26
CA LYS B 134 21.72 21.38 10.27
C LYS B 134 21.16 21.53 8.86
N GLN B 135 19.96 22.11 8.73
CA GLN B 135 19.27 22.18 7.42
C GLN B 135 20.05 23.12 6.49
N ASN B 136 20.86 24.04 7.02
CA ASN B 136 21.68 24.97 6.20
C ASN B 136 23.05 24.37 5.85
N ALA B 137 23.30 23.07 6.08
CA ALA B 137 24.63 22.43 5.92
C ALA B 137 25.08 22.55 4.45
N TRP B 138 24.18 22.31 3.50
CA TRP B 138 24.48 22.37 2.05
C TRP B 138 24.84 23.81 1.65
N ASN B 139 24.13 24.81 2.17
CA ASN B 139 24.38 26.25 1.87
C ASN B 139 25.75 26.65 2.43
N GLU B 140 25.96 26.45 3.74
CA GLU B 140 27.22 26.75 4.47
C GLU B 140 28.44 26.17 3.73
N ALA B 141 28.38 24.91 3.32
CA ALA B 141 29.46 24.23 2.60
C ALA B 141 29.74 24.96 1.29
N GLN B 142 28.70 25.29 0.51
CA GLN B 142 28.83 25.90 -0.84
C GLN B 142 29.48 27.30 -0.76
N LYS B 143 29.28 28.01 0.36
CA LYS B 143 29.86 29.36 0.65
C LYS B 143 31.38 29.26 0.83
N LYS B 144 31.85 28.20 1.50
CA LYS B 144 33.29 27.87 1.63
C LYS B 144 33.78 27.11 0.39
N GLY B 145 33.05 27.18 -0.74
CA GLY B 145 33.40 26.55 -2.04
C GLY B 145 33.56 25.04 -1.94
N GLU B 146 32.93 24.40 -0.95
CA GLU B 146 32.98 22.94 -0.70
C GLU B 146 31.75 22.27 -1.34
N LYS B 147 31.85 20.95 -1.48
CA LYS B 147 30.73 20.03 -1.82
C LYS B 147 30.45 19.17 -0.58
N LEU B 148 29.38 19.48 0.17
CA LEU B 148 29.04 18.78 1.44
C LEU B 148 28.89 17.30 1.12
N PRO B 149 29.67 16.44 1.82
CA PRO B 149 29.50 15.00 1.70
C PRO B 149 28.34 14.50 2.59
N THR B 150 27.58 13.53 2.08
CA THR B 150 26.48 12.81 2.79
C THR B 150 26.67 11.29 2.62
N ARG B 151 25.86 10.48 3.31
CA ARG B 151 25.95 9.00 3.23
C ARG B 151 25.03 8.45 2.12
N TYR B 152 24.63 9.30 1.17
CA TYR B 152 24.03 8.95 -0.13
C TYR B 152 25.11 9.04 -1.22
N TYR B 153 25.19 8.02 -2.07
CA TYR B 153 26.22 7.89 -3.14
C TYR B 153 25.63 8.43 -4.45
N LEU B 154 25.69 9.75 -4.57
CA LEU B 154 25.11 10.48 -5.71
C LEU B 154 25.99 10.25 -6.92
N ASN B 155 25.43 10.43 -8.13
CA ASN B 155 26.24 10.59 -9.36
C ASN B 155 27.20 11.76 -9.10
N GLU B 156 28.40 11.74 -9.70
CA GLU B 156 29.49 12.69 -9.33
C GLU B 156 29.05 14.11 -9.72
N ASN B 157 28.42 14.27 -10.87
CA ASN B 157 27.94 15.59 -11.39
C ASN B 157 26.84 16.19 -10.47
N ASP B 158 26.27 15.44 -9.52
CA ASP B 158 25.22 15.93 -8.58
C ASP B 158 25.78 16.10 -7.16
N LEU B 159 27.08 15.85 -6.92
CA LEU B 159 27.62 15.88 -5.53
C LEU B 159 27.56 17.32 -4.98
N GLY B 160 27.24 17.46 -3.70
CA GLY B 160 27.18 18.77 -3.03
C GLY B 160 25.81 19.44 -3.13
N PHE B 161 24.97 19.07 -4.10
CA PHE B 161 23.60 19.64 -4.23
C PHE B 161 22.77 19.32 -2.98
N SER B 162 21.98 20.30 -2.51
CA SER B 162 20.87 20.13 -1.55
C SER B 162 19.68 19.47 -2.25
N SER B 163 18.66 19.03 -1.51
CA SER B 163 17.46 18.37 -2.09
C SER B 163 16.75 19.40 -3.00
N ASP B 164 16.57 20.64 -2.52
CA ASP B 164 15.94 21.74 -3.29
C ASP B 164 16.71 21.94 -4.59
N GLN B 165 18.03 22.06 -4.52
CA GLN B 165 18.88 22.40 -5.69
C GLN B 165 18.79 21.26 -6.71
N LEU B 166 18.85 20.01 -6.25
CA LEU B 166 18.83 18.82 -7.13
C LEU B 166 17.48 18.72 -7.86
N PHE B 167 16.35 18.87 -7.15
CA PHE B 167 15.02 18.94 -7.80
C PHE B 167 15.02 20.03 -8.87
N ASN B 168 15.48 21.24 -8.53
CA ASN B 168 15.50 22.37 -9.49
C ASN B 168 16.26 21.94 -10.72
N LYS B 169 17.42 21.29 -10.54
CA LYS B 169 18.30 20.82 -11.65
C LYS B 169 17.55 19.78 -12.51
N ILE B 170 16.96 18.77 -11.86
CA ILE B 170 16.24 17.68 -12.57
C ILE B 170 15.20 18.34 -13.48
N ILE B 171 14.44 19.27 -12.92
CA ILE B 171 13.25 19.85 -13.63
C ILE B 171 13.76 20.74 -14.76
N TYR B 172 14.76 21.57 -14.49
CA TYR B 172 15.46 22.36 -15.54
C TYR B 172 15.91 21.44 -16.69
N ASP B 173 16.69 20.40 -16.38
CA ASP B 173 17.29 19.51 -17.40
C ASP B 173 16.17 18.91 -18.25
N VAL B 174 15.06 18.48 -17.63
CA VAL B 174 13.99 17.76 -18.40
C VAL B 174 13.27 18.75 -19.32
N LEU B 175 12.87 19.91 -18.79
CA LEU B 175 12.19 20.97 -19.59
C LEU B 175 13.07 21.39 -20.77
N MET B 176 14.37 21.62 -20.58
CA MET B 176 15.26 22.20 -21.64
C MET B 176 15.62 21.16 -22.72
N ALA B 177 15.44 19.86 -22.46
CA ALA B 177 15.70 18.80 -23.46
C ALA B 177 14.56 18.73 -24.47
N ASP B 178 13.39 19.28 -24.15
CA ASP B 178 12.27 19.41 -25.12
C ASP B 178 12.53 20.67 -25.95
N PRO B 179 12.85 20.55 -27.27
CA PRO B 179 13.16 21.71 -28.09
C PRO B 179 12.02 22.76 -28.00
N TRP B 180 10.77 22.29 -28.12
CA TRP B 180 9.58 23.15 -28.12
C TRP B 180 9.49 23.94 -26.82
N VAL B 181 9.87 23.36 -25.68
CA VAL B 181 9.78 24.03 -24.35
C VAL B 181 10.94 25.01 -24.22
N ALA B 182 12.18 24.57 -24.45
CA ALA B 182 13.41 25.40 -24.32
C ALA B 182 13.25 26.69 -25.16
N GLU B 183 12.64 26.55 -26.33
CA GLU B 183 12.39 27.63 -27.32
C GLU B 183 11.21 28.48 -26.84
N THR B 184 10.06 27.86 -26.56
CA THR B 184 8.79 28.58 -26.21
C THR B 184 8.90 29.22 -24.83
N TYR B 185 9.59 28.61 -23.86
CA TYR B 185 9.61 29.10 -22.45
C TYR B 185 11.03 29.26 -21.90
N GLY B 186 12.07 29.23 -22.73
CA GLY B 186 13.47 29.37 -22.29
C GLY B 186 13.70 30.60 -21.40
N SER B 187 13.00 31.69 -21.73
CA SER B 187 12.92 32.97 -20.96
C SER B 187 12.65 32.74 -19.47
N LYS B 188 11.78 31.78 -19.14
CA LYS B 188 11.24 31.54 -17.78
C LYS B 188 11.88 30.30 -17.15
N ILE B 189 12.84 29.67 -17.85
CA ILE B 189 13.59 28.48 -17.36
C ILE B 189 15.07 28.86 -17.30
N ILE B 190 15.57 29.16 -16.09
CA ILE B 190 16.78 30.03 -15.88
C ILE B 190 17.87 29.29 -15.09
N LYS B 191 18.98 29.02 -15.76
CA LYS B 191 20.27 28.60 -15.14
C LYS B 191 21.03 29.85 -14.69
N GLY B 192 21.30 29.98 -13.38
CA GLY B 192 22.18 31.02 -12.82
C GLY B 192 23.64 30.73 -13.12
N SER B 193 24.56 31.55 -12.62
CA SER B 193 26.02 31.39 -12.85
C SER B 193 26.58 30.31 -11.91
N SER B 194 26.19 30.30 -10.63
CA SER B 194 26.52 29.21 -9.67
C SER B 194 26.04 27.88 -10.29
N VAL B 195 26.77 26.79 -10.08
CA VAL B 195 26.43 25.45 -10.66
C VAL B 195 25.08 24.96 -10.08
N TYR B 196 24.71 25.41 -8.87
CA TYR B 196 23.54 24.94 -8.08
C TYR B 196 22.30 25.81 -8.31
N ASP B 197 22.38 26.83 -9.16
CA ASP B 197 21.38 27.93 -9.21
C ASP B 197 20.46 27.69 -10.41
N TYR B 198 19.25 27.22 -10.14
CA TYR B 198 18.16 27.06 -11.14
C TYR B 198 16.88 27.65 -10.53
N SER B 199 16.20 28.51 -11.30
CA SER B 199 14.98 29.25 -10.89
C SER B 199 13.94 29.11 -12.01
N PHE B 200 12.66 29.35 -11.71
CA PHE B 200 11.56 29.27 -12.70
C PHE B 200 10.56 30.42 -12.49
N LYS B 201 10.00 30.92 -13.61
CA LYS B 201 8.99 32.01 -13.67
C LYS B 201 7.77 31.47 -14.42
N LEU B 202 7.64 30.16 -14.51
CA LEU B 202 6.51 29.51 -15.22
C LEU B 202 5.25 29.72 -14.38
N THR B 203 4.22 30.27 -15.02
CA THR B 203 2.89 30.52 -14.41
C THR B 203 2.07 29.24 -14.53
N SER B 204 1.07 29.12 -13.66
CA SER B 204 0.00 28.11 -13.74
C SER B 204 -0.45 27.92 -15.21
N ARG B 205 -0.67 29.00 -15.96
CA ARG B 205 -1.14 28.94 -17.38
C ARG B 205 -0.03 28.33 -18.27
N ASP B 206 1.23 28.65 -17.98
CA ASP B 206 2.38 28.10 -18.74
C ASP B 206 2.41 26.59 -18.51
N TRP B 207 2.37 26.17 -17.24
CA TRP B 207 2.33 24.74 -16.84
C TRP B 207 1.16 24.05 -17.56
N ASP B 208 -0.02 24.67 -17.67
CA ASP B 208 -1.16 24.00 -18.36
C ASP B 208 -0.84 23.78 -19.84
N ASP B 209 -0.05 24.66 -20.42
CA ASP B 209 0.42 24.49 -21.82
C ASP B 209 1.45 23.34 -21.88
N ILE B 210 2.40 23.31 -20.95
CA ILE B 210 3.59 22.41 -21.00
C ILE B 210 3.19 20.96 -20.71
N LYS B 211 2.48 20.74 -19.60
CA LYS B 211 2.25 19.41 -18.98
C LYS B 211 1.79 18.40 -20.02
N PRO B 212 0.79 18.69 -20.87
CA PRO B 212 0.28 17.69 -21.81
C PRO B 212 1.20 17.38 -22.99
N LYS B 213 2.20 18.23 -23.26
CA LYS B 213 3.02 18.20 -24.52
C LYS B 213 4.45 17.79 -24.21
N LEU B 214 4.96 18.08 -23.00
CA LEU B 214 6.36 17.87 -22.60
C LEU B 214 6.78 16.44 -22.95
N VAL B 215 7.88 16.30 -23.69
CA VAL B 215 8.47 14.99 -24.09
C VAL B 215 9.79 14.82 -23.32
N TYR B 216 10.08 13.58 -22.91
CA TYR B 216 11.31 13.22 -22.17
C TYR B 216 12.38 12.89 -23.20
N ASN B 217 13.39 13.75 -23.33
CA ASN B 217 14.38 13.72 -24.45
C ASN B 217 15.73 13.34 -23.86
N PHE B 218 15.98 12.03 -23.73
CA PHE B 218 17.21 11.47 -23.11
C PHE B 218 17.52 10.19 -23.86
N PRO B 219 18.45 10.23 -24.85
CA PRO B 219 18.55 9.19 -25.87
C PRO B 219 18.76 7.77 -25.34
N ASN B 220 19.52 7.61 -24.26
CA ASN B 220 19.83 6.26 -23.72
C ASN B 220 18.75 5.81 -22.72
N SER B 221 17.75 6.64 -22.39
CA SER B 221 16.74 6.36 -21.32
C SER B 221 15.74 5.31 -21.80
N PRO B 222 15.33 4.40 -20.92
CA PRO B 222 14.15 3.59 -21.16
C PRO B 222 12.90 4.43 -21.46
N TYR B 223 12.87 5.68 -21.01
CA TYR B 223 11.67 6.56 -21.13
C TYR B 223 11.82 7.57 -22.29
N ASP B 224 12.87 7.45 -23.11
CA ASP B 224 13.16 8.41 -24.21
C ASP B 224 11.95 8.56 -25.13
N GLN B 225 11.58 9.81 -25.44
CA GLN B 225 10.53 10.21 -26.43
C GLN B 225 9.12 9.91 -25.89
N ARG B 226 8.96 9.58 -24.61
CA ARG B 226 7.59 9.45 -24.00
C ARG B 226 7.21 10.80 -23.38
N LYS B 227 5.92 11.15 -23.42
CA LYS B 227 5.40 12.28 -22.61
C LYS B 227 5.85 12.08 -21.16
N VAL B 228 6.31 13.14 -20.51
CA VAL B 228 6.71 13.15 -19.08
C VAL B 228 5.47 12.81 -18.23
N ASN B 229 4.30 13.18 -18.75
CA ASN B 229 2.97 12.77 -18.22
C ASN B 229 2.90 11.26 -18.00
N ASP B 230 3.61 10.45 -18.81
CA ASP B 230 3.43 8.99 -18.84
C ASP B 230 4.49 8.30 -17.97
N ILE B 231 5.30 9.10 -17.27
CA ILE B 231 6.44 8.63 -16.45
C ILE B 231 6.13 8.94 -14.98
N GLY B 232 6.16 7.91 -14.14
CA GLY B 232 6.07 8.08 -12.68
C GLY B 232 7.23 8.92 -12.19
N PHE B 233 7.07 9.60 -11.06
CA PHE B 233 8.06 10.59 -10.56
C PHE B 233 9.28 9.87 -9.97
N TRP B 234 9.09 8.72 -9.33
CA TRP B 234 10.25 7.93 -8.83
C TRP B 234 11.00 7.38 -10.05
N ASN B 235 10.30 6.80 -11.01
CA ASN B 235 10.85 6.42 -12.34
C ASN B 235 11.76 7.56 -12.85
N LEU B 236 11.22 8.77 -12.99
CA LEU B 236 11.93 9.92 -13.61
C LEU B 236 13.11 10.34 -12.72
N ILE B 237 12.94 10.44 -11.41
CA ILE B 237 14.03 10.94 -10.52
C ILE B 237 15.20 9.94 -10.57
N LYS B 238 14.94 8.63 -10.52
CA LYS B 238 16.00 7.59 -10.58
C LYS B 238 16.70 7.69 -11.94
N ASP B 239 15.95 7.78 -13.04
CA ASP B 239 16.57 7.87 -14.38
C ASP B 239 17.51 9.07 -14.41
N GLN B 240 17.26 10.10 -13.61
CA GLN B 240 17.96 11.40 -13.73
C GLN B 240 19.12 11.46 -12.73
N VAL B 241 18.97 10.95 -11.50
CA VAL B 241 20.01 11.09 -10.43
C VAL B 241 20.35 9.77 -9.76
N SER B 242 19.97 8.63 -10.34
CA SER B 242 20.21 7.27 -9.79
C SER B 242 19.28 7.00 -8.61
N GLN B 243 19.16 5.72 -8.26
CA GLN B 243 18.29 5.24 -7.17
C GLN B 243 18.81 5.80 -5.85
N GLU B 244 20.12 5.96 -5.71
CA GLU B 244 20.68 6.62 -4.49
C GLU B 244 20.27 8.10 -4.50
N GLY B 245 20.18 8.75 -5.67
CA GLY B 245 19.64 10.12 -5.80
C GLY B 245 18.19 10.17 -5.32
N TYR B 246 17.36 9.22 -5.77
CA TYR B 246 15.96 9.12 -5.33
C TYR B 246 15.89 8.96 -3.80
N GLU B 247 16.73 8.12 -3.21
CA GLU B 247 16.72 7.90 -1.73
C GLU B 247 17.00 9.22 -1.01
N PHE B 248 17.95 10.01 -1.53
CA PHE B 248 18.31 11.32 -0.94
C PHE B 248 17.06 12.21 -0.95
N LEU B 249 16.46 12.38 -2.14
CA LEU B 249 15.39 13.38 -2.35
C LEU B 249 14.13 12.94 -1.61
N ALA B 250 13.78 11.66 -1.66
CA ALA B 250 12.58 11.09 -0.99
C ALA B 250 12.72 11.30 0.51
N ASN B 251 13.90 11.00 1.05
CA ASN B 251 14.08 10.98 2.52
C ASN B 251 14.28 12.40 3.07
N ALA B 252 14.89 13.31 2.32
CA ALA B 252 15.26 14.68 2.77
C ALA B 252 14.11 15.69 2.54
N GLY B 253 13.01 15.29 1.90
CA GLY B 253 11.77 16.07 1.84
C GLY B 253 10.81 15.71 2.98
N GLY B 254 10.03 16.67 3.47
CA GLY B 254 8.84 16.43 4.31
C GLY B 254 7.74 17.37 3.88
N TYR B 255 7.83 18.61 4.39
CA TYR B 255 7.16 19.88 3.99
C TYR B 255 6.58 19.86 2.56
N TYR B 256 5.48 19.12 2.34
CA TYR B 256 4.71 19.12 1.07
C TYR B 256 5.56 18.61 -0.09
N SER B 257 6.54 17.75 0.20
CA SER B 257 7.44 17.11 -0.79
C SER B 257 6.89 15.72 -1.12
N ASN B 258 6.37 15.56 -2.33
CA ASN B 258 5.64 14.36 -2.78
C ASN B 258 6.51 13.62 -3.80
N THR B 259 7.21 12.58 -3.34
CA THR B 259 8.22 11.81 -4.11
C THR B 259 7.72 10.39 -4.36
N ILE B 260 6.44 10.12 -4.15
CA ILE B 260 5.82 8.84 -4.59
C ILE B 260 5.83 8.78 -6.11
N ASN B 261 5.52 7.61 -6.65
CA ASN B 261 5.63 7.37 -8.10
C ASN B 261 4.35 7.87 -8.76
N TRP B 262 4.14 9.18 -8.70
CA TRP B 262 2.95 9.84 -9.29
C TRP B 262 3.33 10.59 -10.56
N ASN B 263 2.36 11.29 -11.15
CA ASN B 263 2.44 11.88 -12.49
C ASN B 263 3.55 12.93 -12.48
N SER B 264 4.64 12.68 -13.20
CA SER B 264 5.84 13.55 -13.26
C SER B 264 5.45 14.92 -13.77
N ALA B 265 4.61 15.01 -14.82
CA ALA B 265 4.17 16.29 -15.42
C ALA B 265 3.49 17.13 -14.34
N GLU B 266 2.57 16.51 -13.59
CA GLU B 266 1.86 17.17 -12.45
C GLU B 266 2.86 17.42 -11.30
N ALA B 267 3.88 16.57 -11.15
CA ALA B 267 4.82 16.70 -10.01
C ALA B 267 5.71 17.96 -10.19
N PHE B 268 6.03 18.35 -11.41
CA PHE B 268 7.00 19.44 -11.70
C PHE B 268 6.52 20.75 -11.05
N PRO B 269 5.38 21.34 -11.49
CA PRO B 269 4.85 22.54 -10.85
C PRO B 269 4.68 22.38 -9.32
N TYR B 270 4.28 21.21 -8.86
CA TYR B 270 4.04 20.92 -7.42
C TYR B 270 5.35 21.15 -6.63
N MET B 271 6.51 21.10 -7.28
CA MET B 271 7.85 21.12 -6.61
C MET B 271 8.52 22.49 -6.74
N VAL B 272 8.32 23.22 -7.83
CA VAL B 272 8.99 24.54 -8.05
C VAL B 272 8.01 25.72 -7.89
N GLY B 273 6.71 25.46 -7.71
CA GLY B 273 5.70 26.47 -7.28
C GLY B 273 4.95 27.11 -8.43
N SER B 276 5.62 34.37 -8.28
CA SER B 276 5.92 34.06 -6.85
C SER B 276 6.23 35.37 -6.10
N ALA B 277 7.52 35.64 -5.83
CA ALA B 277 8.12 36.58 -4.85
C ALA B 277 7.09 37.48 -4.15
N GLY B 278 7.16 37.54 -2.81
CA GLY B 278 6.22 38.29 -1.97
C GLY B 278 5.11 37.38 -1.42
N THR B 279 4.81 36.29 -2.11
CA THR B 279 3.85 35.25 -1.64
C THR B 279 4.51 34.49 -0.48
N ILE B 280 3.84 34.38 0.65
CA ILE B 280 4.33 33.63 1.85
C ILE B 280 3.23 32.68 2.32
N TYR B 281 3.63 31.75 3.18
CA TYR B 281 2.74 30.79 3.88
C TYR B 281 2.15 31.51 5.09
N LYS B 282 0.85 31.34 5.26
CA LYS B 282 0.12 31.94 6.40
C LYS B 282 -0.81 30.90 6.98
N THR B 283 -1.25 31.14 8.20
CA THR B 283 -2.35 30.39 8.84
C THR B 283 -3.32 31.39 9.42
N ILE B 284 -4.31 30.89 10.16
CA ILE B 284 -5.40 31.68 10.81
C ILE B 284 -5.22 31.46 12.30
N GLU B 285 -5.04 32.54 13.06
CA GLU B 285 -4.75 32.48 14.52
C GLU B 285 -5.84 31.68 15.23
N GLU B 286 -7.10 31.78 14.77
CA GLU B 286 -8.26 31.10 15.40
C GLU B 286 -8.30 29.64 14.93
N GLY B 287 -7.26 29.16 14.23
CA GLY B 287 -7.21 27.80 13.69
C GLY B 287 -7.67 27.78 12.23
N TYR B 288 -7.02 26.93 11.43
CA TYR B 288 -7.16 26.93 9.96
C TYR B 288 -8.56 26.49 9.55
N ASP B 289 -9.24 25.67 10.37
CA ASP B 289 -10.62 25.21 10.08
C ASP B 289 -11.60 26.39 10.17
N SER B 290 -11.13 27.55 10.68
CA SER B 290 -11.95 28.79 10.76
C SER B 290 -12.46 29.14 9.36
N ILE B 291 -11.68 28.87 8.32
CA ILE B 291 -12.13 29.20 6.94
C ILE B 291 -13.34 28.31 6.61
N ALA B 292 -13.34 27.05 7.01
CA ALA B 292 -14.53 26.18 6.77
C ALA B 292 -15.74 26.76 7.52
N TYR B 293 -15.54 27.18 8.77
CA TYR B 293 -16.63 27.71 9.65
C TYR B 293 -17.11 29.06 9.07
N ALA B 294 -16.22 29.85 8.46
CA ALA B 294 -16.59 31.18 7.92
C ALA B 294 -17.53 30.97 6.72
N VAL B 295 -17.23 29.98 5.87
CA VAL B 295 -18.07 29.69 4.68
C VAL B 295 -19.38 29.04 5.15
N ALA B 296 -19.31 28.12 6.10
CA ALA B 296 -20.52 27.44 6.62
C ALA B 296 -21.48 28.50 7.19
N ASN B 297 -20.95 29.42 8.01
CA ASN B 297 -21.74 30.43 8.75
C ASN B 297 -22.40 31.37 7.73
N SER B 298 -21.70 31.70 6.65
CA SER B 298 -22.23 32.59 5.60
C SER B 298 -23.41 31.89 4.91
N TYR B 299 -23.28 30.61 4.59
CA TYR B 299 -24.40 29.83 4.00
C TYR B 299 -25.57 29.83 5.00
N MET B 300 -25.27 29.58 6.27
CA MET B 300 -26.30 29.32 7.31
C MET B 300 -27.04 30.63 7.69
N GLU B 301 -26.53 31.82 7.33
CA GLU B 301 -27.23 33.08 7.69
C GLU B 301 -28.42 33.30 6.72
N HIS B 302 -28.57 32.46 5.69
CA HIS B 302 -29.75 32.40 4.78
C HIS B 302 -30.81 31.44 5.34
N GLU B 303 -32.04 31.92 5.51
CA GLU B 303 -33.12 31.17 6.20
C GLU B 303 -33.47 29.95 5.35
N GLY B 304 -33.59 28.78 6.00
CA GLY B 304 -33.79 27.49 5.32
C GLY B 304 -32.49 26.71 5.13
N ALA B 305 -31.34 27.34 5.28
CA ALA B 305 -30.02 26.66 5.14
C ALA B 305 -29.90 25.63 6.27
N CYS B 306 -29.27 24.50 5.97
CA CYS B 306 -29.09 23.42 6.95
C CYS B 306 -27.91 22.51 6.56
N ILE B 307 -27.01 22.29 7.52
CA ILE B 307 -26.02 21.19 7.52
C ILE B 307 -26.65 20.03 8.28
N TRP B 308 -26.95 18.94 7.60
CA TRP B 308 -27.36 17.67 8.23
C TRP B 308 -26.10 16.91 8.64
N SER B 309 -25.83 16.73 9.93
CA SER B 309 -24.64 16.02 10.42
C SER B 309 -25.04 14.59 10.81
N GLU B 310 -24.06 13.72 11.01
CA GLU B 310 -24.27 12.30 11.40
C GLU B 310 -25.36 11.70 10.52
N ASN B 311 -25.31 12.06 9.24
CA ASN B 311 -26.25 11.59 8.19
C ASN B 311 -25.42 11.13 6.99
N LYS B 312 -25.40 9.83 6.74
CA LYS B 312 -24.48 9.19 5.78
C LYS B 312 -25.23 8.78 4.52
N LEU B 313 -24.85 9.31 3.35
CA LEU B 313 -25.41 8.87 2.04
C LEU B 313 -25.06 7.41 1.80
N LEU B 314 -26.05 6.57 1.49
CA LEU B 314 -25.85 5.12 1.25
C LEU B 314 -25.86 4.86 -0.24
N THR B 315 -26.79 5.49 -0.94
CA THR B 315 -27.12 5.18 -2.35
C THR B 315 -28.07 6.27 -2.87
N PHE B 316 -28.29 6.27 -4.17
CA PHE B 316 -29.28 7.12 -4.87
C PHE B 316 -29.69 6.40 -6.15
N THR B 317 -30.89 6.73 -6.63
CA THR B 317 -31.54 6.03 -7.75
C THR B 317 -32.46 7.01 -8.51
N LYS B 318 -32.72 6.70 -9.77
CA LYS B 318 -33.70 7.39 -10.65
C LYS B 318 -35.07 6.66 -10.59
N ASP B 319 -35.14 5.52 -9.90
CA ASP B 319 -36.35 4.64 -9.83
C ASP B 319 -37.01 4.83 -8.46
N HIS B 320 -37.97 5.75 -8.39
CA HIS B 320 -38.60 6.20 -7.12
C HIS B 320 -39.96 6.80 -7.42
N PRO B 321 -40.84 6.96 -6.40
CA PRO B 321 -42.20 7.44 -6.62
C PRO B 321 -42.42 8.91 -7.06
N LEU B 322 -41.40 9.78 -7.03
CA LEU B 322 -41.59 11.24 -7.23
C LEU B 322 -40.82 11.74 -8.46
N THR B 323 -40.67 10.95 -9.52
CA THR B 323 -39.86 11.34 -10.72
C THR B 323 -40.54 12.48 -11.48
N ASN B 324 -41.75 12.87 -11.10
CA ASN B 324 -42.47 14.04 -11.70
C ASN B 324 -41.85 15.34 -11.20
N THR B 325 -41.38 15.42 -9.95
CA THR B 325 -40.78 16.65 -9.36
C THR B 325 -39.24 16.54 -9.32
N HIS B 326 -38.70 15.35 -9.09
CA HIS B 326 -37.28 15.15 -8.68
C HIS B 326 -36.68 13.98 -9.47
N LYS B 327 -35.56 14.20 -10.15
CA LYS B 327 -34.88 13.12 -10.91
C LYS B 327 -34.33 12.05 -9.96
N TYR B 328 -33.89 12.41 -8.74
CA TYR B 328 -33.10 11.52 -7.85
C TYR B 328 -33.72 11.39 -6.46
N GLU B 329 -33.76 10.15 -6.00
CA GLU B 329 -34.03 9.77 -4.59
C GLU B 329 -32.71 9.35 -3.95
N LEU B 330 -32.31 10.02 -2.86
CA LEU B 330 -31.12 9.72 -2.02
C LEU B 330 -31.58 9.01 -0.74
N THR B 331 -30.88 7.96 -0.33
CA THR B 331 -31.13 7.25 0.95
C THR B 331 -29.98 7.58 1.90
N PHE B 332 -30.30 8.10 3.07
CA PHE B 332 -29.33 8.45 4.14
C PHE B 332 -29.52 7.50 5.33
N LEU B 333 -28.41 7.19 6.00
CA LEU B 333 -28.41 6.51 7.31
C LEU B 333 -28.28 7.58 8.38
N ASN B 334 -29.35 7.75 9.16
CA ASN B 334 -29.37 8.62 10.37
C ASN B 334 -28.63 7.85 11.45
N LEU B 335 -27.36 8.15 11.66
CA LEU B 335 -26.42 7.35 12.47
C LEU B 335 -26.91 7.28 13.93
N LYS B 336 -27.52 8.35 14.44
CA LYS B 336 -28.01 8.43 15.84
C LYS B 336 -29.08 7.37 16.11
N THR B 337 -29.89 7.03 15.10
CA THR B 337 -31.05 6.12 15.24
C THR B 337 -30.84 4.80 14.50
N ASN B 338 -29.88 4.73 13.56
CA ASN B 338 -29.64 3.61 12.62
C ASN B 338 -30.91 3.36 11.78
N THR B 339 -31.62 4.42 11.42
CA THR B 339 -32.81 4.40 10.53
C THR B 339 -32.45 5.06 9.20
N GLN B 340 -33.02 4.58 8.10
CA GLN B 340 -32.83 5.15 6.75
C GLN B 340 -33.95 6.16 6.46
N TRP B 341 -33.63 7.21 5.71
CA TRP B 341 -34.61 8.21 5.22
C TRP B 341 -34.23 8.68 3.82
N LYS B 342 -35.27 9.02 3.03
CA LYS B 342 -35.17 9.45 1.63
C LYS B 342 -35.12 10.97 1.56
N VAL B 343 -34.30 11.49 0.63
CA VAL B 343 -34.26 12.92 0.22
C VAL B 343 -34.40 12.98 -1.31
N TYR B 344 -35.16 13.97 -1.81
CA TYR B 344 -35.51 14.10 -3.25
C TYR B 344 -34.81 15.35 -3.77
N ALA B 345 -34.14 15.24 -4.92
CA ALA B 345 -33.29 16.31 -5.47
C ALA B 345 -33.17 16.16 -6.99
N ASN B 346 -32.74 17.23 -7.66
CA ASN B 346 -32.58 17.30 -9.13
C ASN B 346 -31.10 17.40 -9.51
N SER B 347 -30.25 17.83 -8.56
CA SER B 347 -28.77 17.84 -8.70
C SER B 347 -28.14 17.18 -7.46
N ILE B 348 -27.17 16.28 -7.66
CA ILE B 348 -26.30 15.72 -6.59
C ILE B 348 -24.87 16.21 -6.78
N VAL B 349 -24.33 16.89 -5.76
CA VAL B 349 -22.89 17.27 -5.69
C VAL B 349 -22.22 16.37 -4.67
N LEU B 350 -21.30 15.50 -5.13
CA LEU B 350 -20.45 14.64 -4.28
C LEU B 350 -19.15 15.40 -4.00
N ALA B 351 -19.11 16.11 -2.89
CA ALA B 351 -17.97 16.96 -2.46
C ALA B 351 -17.06 16.13 -1.55
N MET B 352 -16.42 15.11 -2.11
CA MET B 352 -15.86 14.01 -1.29
C MET B 352 -14.76 13.33 -2.08
N PRO B 353 -13.73 12.78 -1.40
CA PRO B 353 -12.57 12.17 -2.08
C PRO B 353 -12.81 10.74 -2.61
N ARG B 354 -11.78 10.18 -3.22
CA ARG B 354 -11.85 8.87 -3.91
C ARG B 354 -12.46 7.82 -2.98
N LYS B 355 -11.95 7.68 -1.76
CA LYS B 355 -12.39 6.59 -0.86
C LYS B 355 -13.88 6.78 -0.53
N SER B 356 -14.32 8.02 -0.35
CA SER B 356 -15.73 8.36 -0.04
C SER B 356 -16.63 7.93 -1.20
N LEU B 357 -16.20 8.15 -2.45
CA LEU B 357 -16.95 7.71 -3.64
C LEU B 357 -17.06 6.17 -3.64
N GLU B 358 -15.95 5.48 -3.34
CA GLU B 358 -15.89 4.00 -3.42
C GLU B 358 -16.76 3.37 -2.34
N LEU B 359 -16.97 4.07 -1.22
CA LEU B 359 -17.81 3.56 -0.09
C LEU B 359 -19.29 3.75 -0.38
N LEU B 360 -19.65 4.45 -1.45
CA LEU B 360 -21.08 4.58 -1.85
C LEU B 360 -21.51 3.25 -2.50
N ASP B 361 -22.81 2.98 -2.52
CA ASP B 361 -23.38 1.81 -3.23
C ASP B 361 -22.88 1.80 -4.67
N GLN B 362 -22.03 0.85 -5.03
CA GLN B 362 -21.38 0.77 -6.37
C GLN B 362 -22.35 0.14 -7.40
N ASN B 363 -23.50 -0.39 -6.95
CA ASN B 363 -24.46 -1.18 -7.78
C ASN B 363 -25.54 -0.29 -8.40
N ASN B 364 -25.56 1.00 -8.08
CA ASN B 364 -26.62 1.90 -8.60
C ASN B 364 -26.29 2.26 -10.05
N PHE B 365 -27.17 3.02 -10.69
CA PHE B 365 -27.07 3.43 -12.11
C PHE B 365 -25.79 4.26 -12.34
N PHE B 366 -25.35 5.04 -11.34
CA PHE B 366 -24.21 5.98 -11.51
C PHE B 366 -22.90 5.18 -11.53
N PHE B 367 -22.66 4.36 -10.51
CA PHE B 367 -21.36 3.69 -10.26
C PHE B 367 -21.26 2.36 -10.99
N ASN B 368 -22.38 1.79 -11.42
CA ASN B 368 -22.42 0.52 -12.16
C ASN B 368 -21.20 0.39 -13.09
N ILE B 369 -20.31 -0.55 -12.78
CA ILE B 369 -19.03 -0.78 -13.53
C ILE B 369 -19.34 -1.33 -14.94
N ASN B 370 -20.42 -2.09 -15.09
CA ASN B 370 -20.76 -2.78 -16.37
C ASN B 370 -21.10 -1.74 -17.44
N LYS B 371 -21.64 -0.58 -17.05
CA LYS B 371 -22.00 0.52 -17.97
C LYS B 371 -20.98 1.67 -17.91
N ASN B 372 -20.60 2.11 -16.72
CA ASN B 372 -19.80 3.36 -16.54
C ASN B 372 -18.34 3.00 -16.22
N SER B 373 -17.70 2.23 -17.09
CA SER B 373 -16.29 1.79 -17.01
C SER B 373 -15.35 3.00 -17.01
N VAL B 374 -15.70 4.11 -17.69
CA VAL B 374 -14.81 5.30 -17.75
C VAL B 374 -14.88 6.04 -16.40
N LEU B 375 -16.05 6.17 -15.82
CA LEU B 375 -16.20 6.77 -14.46
C LEU B 375 -15.25 6.03 -13.51
N ASN B 376 -15.34 4.70 -13.52
CA ASN B 376 -14.62 3.81 -12.60
C ASN B 376 -13.12 3.95 -12.82
N ASN B 377 -12.66 3.98 -14.08
CA ASN B 377 -11.23 4.24 -14.40
C ASN B 377 -10.80 5.61 -13.86
N ASN B 378 -11.63 6.66 -14.01
CA ASN B 378 -11.28 8.04 -13.62
C ASN B 378 -11.30 8.18 -12.10
N ILE B 379 -12.19 7.48 -11.40
CA ILE B 379 -12.21 7.50 -9.91
C ILE B 379 -10.85 6.99 -9.43
N ARG B 380 -10.31 6.01 -10.14
CA ARG B 380 -9.03 5.35 -9.83
C ARG B 380 -7.85 6.08 -10.51
N SER B 381 -8.02 7.30 -11.01
CA SER B 381 -6.96 8.08 -11.68
C SER B 381 -5.99 8.71 -10.66
N VAL B 382 -6.26 8.59 -9.35
CA VAL B 382 -5.41 9.24 -8.32
C VAL B 382 -5.04 8.26 -7.23
N ILE B 383 -3.88 8.49 -6.65
CA ILE B 383 -3.32 7.71 -5.52
C ILE B 383 -3.86 8.31 -4.23
N MET B 384 -4.35 7.45 -3.34
CA MET B 384 -4.75 7.84 -1.97
C MET B 384 -3.49 7.82 -1.09
N GLU B 385 -2.89 8.98 -0.85
CA GLU B 385 -1.67 9.13 0.00
C GLU B 385 -2.09 9.07 1.47
N PRO B 386 -1.56 8.13 2.29
CA PRO B 386 -1.89 8.13 3.72
C PRO B 386 -1.26 9.33 4.44
N ALA B 387 -1.93 9.79 5.48
CA ALA B 387 -1.39 10.82 6.39
C ALA B 387 -1.90 10.52 7.80
N PHE B 388 -1.01 10.72 8.76
CA PHE B 388 -1.26 10.54 10.20
C PHE B 388 -0.66 11.76 10.91
N LYS B 389 -1.35 12.26 11.91
CA LYS B 389 -0.87 13.37 12.75
C LYS B 389 -1.01 13.00 14.22
N ILE B 390 0.04 13.27 14.97
CA ILE B 390 0.07 13.10 16.44
C ILE B 390 0.50 14.45 17.03
N LEU B 391 -0.40 15.07 17.79
CA LEU B 391 -0.10 16.25 18.63
C LEU B 391 0.33 15.73 20.01
N MET B 392 1.36 16.37 20.56
CA MET B 392 1.93 15.97 21.86
C MET B 392 2.25 17.23 22.66
N GLY B 393 1.66 17.30 23.86
CA GLY B 393 1.81 18.39 24.83
C GLY B 393 2.86 18.03 25.87
N PHE B 394 3.87 18.89 26.01
CA PHE B 394 4.99 18.80 26.96
C PHE B 394 4.85 19.96 27.95
N GLU B 395 5.36 19.80 29.18
CA GLU B 395 5.26 20.82 30.27
C GLU B 395 6.17 21.99 29.95
N TYR B 396 7.09 21.85 29.00
CA TYR B 396 8.01 22.93 28.57
C TYR B 396 8.55 22.60 27.19
N PRO B 397 9.01 23.62 26.42
CA PRO B 397 9.54 23.41 25.08
C PRO B 397 10.99 22.94 25.08
N TRP B 398 11.20 21.65 25.30
CA TRP B 398 12.54 21.03 25.38
C TRP B 398 13.38 21.39 24.14
N TRP B 399 12.76 21.69 23.00
CA TRP B 399 13.47 21.99 21.72
C TRP B 399 14.20 23.34 21.79
N LYS B 400 13.83 24.24 22.69
CA LYS B 400 14.46 25.60 22.76
C LYS B 400 15.92 25.47 23.21
N GLU B 401 16.27 24.39 23.91
CA GLU B 401 17.66 24.12 24.37
C GLU B 401 18.63 23.98 23.18
N LEU B 402 18.13 23.69 21.97
CA LEU B 402 18.95 23.61 20.73
C LEU B 402 18.73 24.86 19.87
N GLY B 403 18.10 25.89 20.46
CA GLY B 403 17.75 27.17 19.83
C GLY B 403 16.65 27.01 18.79
N ILE B 404 15.76 26.03 18.96
CA ILE B 404 14.62 25.79 18.02
C ILE B 404 13.39 26.48 18.62
N ASP B 405 12.85 27.46 17.89
CA ASP B 405 11.63 28.25 18.21
C ASP B 405 10.38 27.64 17.59
N SER B 406 10.54 27.04 16.41
CA SER B 406 9.48 26.89 15.38
C SER B 406 10.03 26.17 14.17
N GLY B 407 9.16 25.85 13.20
CA GLY B 407 9.54 25.08 12.01
C GLY B 407 9.54 23.61 12.31
N HIS B 408 10.26 22.83 11.52
CA HIS B 408 10.22 21.35 11.56
C HIS B 408 11.57 20.74 11.22
N SER B 409 11.85 19.61 11.87
CA SER B 409 13.00 18.75 11.58
C SER B 409 12.51 17.57 10.73
N ILE B 410 13.39 17.10 9.85
CA ILE B 410 13.15 16.00 8.88
C ILE B 410 14.13 14.87 9.20
N THR B 411 13.71 13.61 9.04
CA THR B 411 14.57 12.42 9.22
C THR B 411 14.08 11.22 8.38
N ASP B 412 14.98 10.26 8.13
CA ASP B 412 14.65 8.98 7.47
C ASP B 412 14.23 7.97 8.55
N LEU B 413 14.26 8.33 9.84
CA LEU B 413 13.57 7.52 10.88
C LEU B 413 12.09 7.44 10.49
N PRO B 414 11.35 6.38 10.83
CA PRO B 414 9.93 6.30 10.50
C PRO B 414 9.02 7.46 10.93
N MET B 415 9.41 8.23 11.95
CA MET B 415 8.60 9.41 12.43
C MET B 415 8.55 10.46 11.32
N ARG B 416 9.58 10.49 10.47
CA ARG B 416 9.75 11.36 9.25
C ARG B 416 9.90 12.84 9.58
N GLN B 417 9.07 13.41 10.44
CA GLN B 417 8.99 14.90 10.55
C GLN B 417 8.37 15.29 11.89
N CYS B 418 8.91 16.30 12.58
CA CYS B 418 8.25 16.90 13.77
C CYS B 418 8.20 18.43 13.58
N TYR B 419 7.04 19.01 13.81
CA TYR B 419 6.84 20.48 13.81
C TYR B 419 6.82 20.92 15.27
N TYR B 420 7.68 21.88 15.60
CA TYR B 420 7.71 22.52 16.94
C TYR B 420 6.67 23.65 16.91
N PHE B 421 5.45 23.36 17.36
CA PHE B 421 4.26 24.11 16.91
C PHE B 421 4.00 25.32 17.81
N GLY B 422 4.45 25.32 19.06
CA GLY B 422 4.34 26.54 19.87
C GLY B 422 4.31 26.29 21.36
N THR B 423 4.51 27.38 22.11
CA THR B 423 4.57 27.42 23.59
C THR B 423 3.58 28.45 24.13
N ASP B 424 2.64 28.03 24.99
CA ASP B 424 1.71 28.90 25.75
C ASP B 424 2.58 29.80 26.65
N PRO B 425 2.59 31.14 26.42
CA PRO B 425 3.51 32.04 27.12
C PRO B 425 3.26 32.17 28.64
N GLU B 426 2.10 31.68 29.13
CA GLU B 426 1.69 31.72 30.55
C GLU B 426 2.03 30.41 31.28
N THR B 427 1.71 29.25 30.68
CA THR B 427 1.85 27.89 31.28
C THR B 427 3.16 27.22 30.84
N ASN B 428 3.74 27.69 29.74
CA ASN B 428 4.99 27.14 29.14
C ASN B 428 4.68 25.80 28.44
N ASN B 429 3.48 25.26 28.60
CA ASN B 429 3.04 24.00 27.92
C ASN B 429 3.20 24.21 26.40
N SER B 430 3.81 23.24 25.73
CA SER B 430 4.41 23.35 24.38
C SER B 430 4.01 22.17 23.51
N MET B 431 3.59 22.43 22.27
CA MET B 431 2.98 21.41 21.37
C MET B 431 3.99 21.01 20.31
N LEU B 432 4.21 19.70 20.16
CA LEU B 432 4.93 19.11 19.01
C LEU B 432 3.90 18.37 18.16
N LEU B 433 4.04 18.40 16.84
CA LEU B 433 3.25 17.49 15.98
C LEU B 433 4.16 16.65 15.10
N GLY B 434 3.94 15.34 15.15
CA GLY B 434 4.56 14.30 14.32
C GLY B 434 3.69 13.99 13.13
N SER B 435 4.31 13.88 11.97
CA SER B 435 3.66 13.77 10.65
C SER B 435 4.44 12.72 9.86
N TYR B 436 3.84 11.55 9.67
CA TYR B 436 4.44 10.41 8.92
C TYR B 436 3.41 9.87 7.91
N GLY B 437 3.78 8.81 7.20
CA GLY B 437 2.88 8.09 6.27
C GLY B 437 3.59 7.60 5.03
N ASP B 438 4.54 8.37 4.50
CA ASP B 438 5.23 8.04 3.22
C ASP B 438 6.38 7.05 3.49
N MET B 439 6.91 6.45 2.43
CA MET B 439 8.06 5.51 2.46
C MET B 439 7.75 4.32 3.38
N GLU B 440 6.51 3.80 3.33
CA GLU B 440 6.05 2.60 4.07
C GLU B 440 5.89 2.89 5.56
N THR B 441 6.13 4.12 6.02
CA THR B 441 6.05 4.46 7.46
C THR B 441 4.62 4.23 7.97
N GLU B 442 3.62 4.31 7.11
CA GLU B 442 2.24 3.85 7.44
C GLU B 442 2.31 2.46 8.07
N THR B 443 3.09 1.52 7.50
CA THR B 443 3.08 0.10 7.95
C THR B 443 3.92 -0.02 9.24
N PHE B 444 4.99 0.76 9.38
CA PHE B 444 5.77 0.81 10.65
C PHE B 444 4.83 1.15 11.81
N TRP B 445 4.04 2.22 11.68
CA TRP B 445 3.23 2.81 12.78
C TRP B 445 1.90 2.07 12.99
N LYS B 446 1.36 1.40 11.95
CA LYS B 446 -0.01 0.82 12.01
C LYS B 446 -0.15 -0.17 13.18
N ALA B 447 0.79 -1.11 13.29
CA ALA B 447 0.84 -2.11 14.38
C ALA B 447 0.79 -1.41 15.74
N LEU B 448 1.47 -0.27 15.89
CA LEU B 448 1.54 0.48 17.17
C LEU B 448 0.21 1.21 17.40
N SER B 449 -0.32 1.88 16.37
CA SER B 449 -1.57 2.68 16.44
C SER B 449 -2.79 1.75 16.62
N ASP B 450 -2.71 0.50 16.18
CA ASP B 450 -3.82 -0.48 16.29
C ASP B 450 -3.82 -1.13 17.68
N ASP B 451 -2.72 -1.05 18.45
CA ASP B 451 -2.63 -1.67 19.80
C ASP B 451 -3.73 -1.07 20.68
N LYS B 452 -4.24 -1.79 21.67
CA LYS B 452 -5.48 -1.39 22.37
C LYS B 452 -5.15 -0.51 23.58
N VAL B 453 -3.95 -0.60 24.14
CA VAL B 453 -3.63 0.11 25.42
C VAL B 453 -3.20 1.55 25.10
N LEU B 454 -4.03 2.49 25.55
CA LEU B 454 -3.96 3.93 25.22
C LEU B 454 -3.06 4.65 26.22
N PHE B 455 -2.35 5.66 25.73
CA PHE B 455 -1.58 6.63 26.55
C PHE B 455 -2.53 7.22 27.59
N GLU B 456 -2.07 7.24 28.85
CA GLU B 456 -2.80 7.80 30.01
C GLU B 456 -2.42 9.28 30.15
N VAL B 457 -3.42 10.17 30.14
CA VAL B 457 -3.21 11.62 30.40
C VAL B 457 -2.63 11.79 31.81
N LYS B 458 -1.96 12.91 32.01
CA LYS B 458 -1.22 13.24 33.25
C LYS B 458 -1.39 14.76 33.44
N ALA B 459 -1.82 15.18 34.65
CA ALA B 459 -2.01 16.60 35.03
C ALA B 459 -0.76 17.41 34.68
N ALA B 460 -0.96 18.69 34.39
CA ALA B 460 0.12 19.66 34.12
C ALA B 460 -0.41 21.05 34.43
N LYS B 461 0.46 22.07 34.32
CA LYS B 461 0.13 23.50 34.48
C LYS B 461 -1.16 23.82 33.72
N SER B 462 -2.23 24.20 34.42
CA SER B 462 -3.50 24.73 33.84
C SER B 462 -4.25 23.64 33.06
N ALA B 463 -3.97 22.37 33.37
CA ALA B 463 -4.60 21.20 32.73
C ALA B 463 -4.90 20.14 33.79
N SER B 464 -6.13 20.18 34.31
CA SER B 464 -6.67 19.22 35.31
C SER B 464 -6.98 17.89 34.61
N LEU B 465 -6.94 16.79 35.35
CA LEU B 465 -7.37 15.45 34.87
C LEU B 465 -8.85 15.50 34.44
N ARG B 466 -9.67 16.32 35.11
CA ARG B 466 -11.06 16.65 34.69
C ARG B 466 -11.11 16.94 33.19
N GLU B 467 -10.29 17.92 32.75
CA GLU B 467 -10.30 18.50 31.38
C GLU B 467 -9.66 17.49 30.41
N LEU B 468 -8.63 16.79 30.86
CA LEU B 468 -7.78 15.92 30.01
C LEU B 468 -8.49 14.58 29.72
N HIS B 469 -9.26 14.04 30.68
CA HIS B 469 -10.05 12.78 30.51
C HIS B 469 -11.14 12.97 29.45
N GLN B 470 -11.48 14.21 29.10
CA GLN B 470 -12.38 14.51 27.96
C GLN B 470 -11.75 14.03 26.65
N LEU B 471 -10.41 13.94 26.56
CA LEU B 471 -9.68 13.48 25.35
C LEU B 471 -9.15 12.05 25.54
N ASP B 472 -9.69 11.26 26.47
CA ASP B 472 -9.20 9.87 26.75
C ASP B 472 -9.18 9.05 25.46
N ASP B 473 -10.26 9.11 24.67
CA ASP B 473 -10.51 8.23 23.50
C ASP B 473 -9.72 8.66 22.25
N VAL B 474 -9.02 9.79 22.28
CA VAL B 474 -8.25 10.28 21.11
C VAL B 474 -6.76 10.26 21.44
N GLN B 475 -6.38 9.74 22.61
CA GLN B 475 -4.94 9.60 22.97
C GLN B 475 -4.32 8.59 22.02
N ALA B 476 -3.08 8.85 21.63
CA ALA B 476 -2.25 7.85 20.92
C ALA B 476 -2.08 6.63 21.82
N THR B 477 -1.64 5.50 21.25
CA THR B 477 -1.35 4.26 22.03
C THR B 477 -0.04 4.47 22.80
N LYS B 478 0.13 3.77 23.93
CA LYS B 478 1.39 3.81 24.71
C LYS B 478 2.57 3.42 23.82
N LEU B 479 2.42 2.35 23.02
CA LEU B 479 3.51 1.85 22.13
C LEU B 479 3.93 2.93 21.13
N MET B 480 2.96 3.65 20.54
CA MET B 480 3.27 4.69 19.52
C MET B 480 4.01 5.84 20.21
N VAL B 481 3.52 6.32 21.35
CA VAL B 481 4.16 7.42 22.13
C VAL B 481 5.54 6.96 22.55
N GLY B 482 5.63 5.76 23.13
CA GLY B 482 6.91 5.13 23.49
C GLY B 482 7.90 5.22 22.35
N GLU B 483 7.54 4.71 21.17
CA GLU B 483 8.49 4.58 20.03
C GLU B 483 8.79 5.97 19.46
N LEU B 484 7.81 6.88 19.47
CA LEU B 484 8.01 8.25 18.95
C LEU B 484 9.00 8.99 19.88
N MET B 485 8.82 8.87 21.20
CA MET B 485 9.80 9.39 22.18
C MET B 485 11.19 8.82 21.87
N ASN B 486 11.29 7.52 21.57
CA ASN B 486 12.60 6.85 21.29
C ASN B 486 13.22 7.47 20.03
N GLN B 487 12.39 7.71 19.00
CA GLN B 487 12.89 8.29 17.73
C GLN B 487 13.19 9.79 17.93
N LEU B 488 12.44 10.50 18.76
CA LEU B 488 12.70 11.95 19.03
C LEU B 488 14.07 12.08 19.74
N ARG B 489 14.40 11.15 20.64
CA ARG B 489 15.72 11.19 21.35
C ARG B 489 16.84 10.93 20.34
N GLU B 490 16.67 10.00 19.40
CA GLU B 490 17.76 9.66 18.44
C GLU B 490 17.90 10.84 17.48
N LEU B 491 16.76 11.42 17.08
CA LEU B 491 16.72 12.59 16.16
C LEU B 491 17.56 13.75 16.74
N HIS B 492 17.27 14.17 17.97
CA HIS B 492 17.84 15.41 18.58
C HIS B 492 19.23 15.12 19.17
N GLY B 493 19.49 13.88 19.59
CA GLY B 493 20.79 13.48 20.18
C GLY B 493 20.75 13.55 21.70
N ASP B 494 21.88 13.24 22.33
CA ASP B 494 21.96 13.00 23.80
C ASP B 494 22.05 14.33 24.57
N THR B 495 22.40 15.44 23.91
CA THR B 495 22.63 16.76 24.58
C THR B 495 21.33 17.35 25.12
N VAL B 496 20.16 16.81 24.77
CA VAL B 496 18.86 17.33 25.31
C VAL B 496 18.07 16.18 25.91
N THR B 497 17.71 16.29 27.18
CA THR B 497 16.71 15.44 27.86
C THR B 497 15.33 15.81 27.29
N ILE B 498 14.51 14.82 26.95
CA ILE B 498 13.11 15.01 26.50
C ILE B 498 12.18 14.40 27.55
N PRO B 499 11.33 15.20 28.21
CA PRO B 499 10.39 14.67 29.19
C PRO B 499 9.25 13.93 28.48
N GLU B 500 8.46 13.17 29.24
CA GLU B 500 7.25 12.48 28.71
C GLU B 500 6.19 13.55 28.48
N PRO B 501 5.31 13.40 27.48
CA PRO B 501 4.21 14.33 27.29
C PRO B 501 3.15 14.12 28.37
N TYR B 502 2.30 15.12 28.60
CA TYR B 502 1.15 15.02 29.53
C TYR B 502 -0.14 14.67 28.78
N VAL B 503 -0.20 14.98 27.48
CA VAL B 503 -1.42 14.79 26.68
C VAL B 503 -0.98 14.52 25.23
N THR B 504 -1.74 13.71 24.50
CA THR B 504 -1.57 13.52 23.04
C THR B 504 -2.93 13.66 22.36
N TYR B 505 -2.90 13.75 21.03
CA TYR B 505 -4.08 13.71 20.14
C TYR B 505 -3.65 13.02 18.85
N PHE B 506 -4.14 11.81 18.58
CA PHE B 506 -3.80 11.02 17.38
C PHE B 506 -4.91 11.17 16.34
N LYS B 507 -4.53 11.44 15.10
CA LYS B 507 -5.49 11.52 13.96
C LYS B 507 -4.96 10.68 12.80
N ASP B 508 -5.78 9.77 12.30
CA ASP B 508 -5.46 8.87 11.17
C ASP B 508 -6.40 9.22 10.01
N TRP B 509 -5.89 9.86 8.97
CA TRP B 509 -6.71 10.32 7.83
C TRP B 509 -6.97 9.17 6.85
N THR B 510 -6.36 8.00 7.06
CA THR B 510 -6.63 6.79 6.25
C THR B 510 -7.95 6.17 6.71
N ASP B 511 -8.46 6.57 7.88
CA ASP B 511 -9.81 6.16 8.36
C ASP B 511 -10.87 6.48 7.29
N GLU B 512 -11.88 5.61 7.18
CA GLU B 512 -13.10 5.89 6.40
C GLU B 512 -13.76 7.11 7.03
N PRO B 513 -14.39 8.00 6.24
CA PRO B 513 -14.52 7.85 4.78
C PRO B 513 -13.40 8.49 3.93
N PHE B 514 -12.38 9.11 4.55
CA PHE B 514 -11.31 9.90 3.88
C PHE B 514 -10.38 8.97 3.08
N GLY B 515 -9.88 7.91 3.71
CA GLY B 515 -8.99 6.92 3.07
C GLY B 515 -7.66 7.52 2.61
N ALA B 516 -7.37 8.77 2.95
CA ALA B 516 -6.17 9.49 2.47
C ALA B 516 -6.07 10.85 3.14
N GLY B 517 -4.85 11.34 3.27
CA GLY B 517 -4.60 12.73 3.64
C GLY B 517 -4.83 13.63 2.45
N TYR B 518 -4.40 13.15 1.29
CA TYR B 518 -4.41 13.93 0.03
C TYR B 518 -4.20 12.96 -1.14
N HIS B 519 -4.37 13.44 -2.37
CA HIS B 519 -4.38 12.57 -3.57
C HIS B 519 -3.31 13.03 -4.55
N ALA B 520 -2.94 12.16 -5.48
CA ALA B 520 -1.86 12.45 -6.44
C ALA B 520 -2.21 11.80 -7.76
N TRP B 521 -2.25 12.60 -8.83
CA TRP B 521 -2.51 12.09 -10.19
C TRP B 521 -1.54 10.96 -10.50
N LYS B 522 -2.03 9.89 -11.10
CA LYS B 522 -1.20 8.80 -11.64
C LYS B 522 -0.60 9.24 -12.97
N ALA B 523 0.58 8.72 -13.28
CA ALA B 523 1.19 8.79 -14.62
C ALA B 523 0.18 8.26 -15.65
N GLY B 524 0.19 8.78 -16.87
CA GLY B 524 -0.49 8.14 -18.01
C GLY B 524 -1.94 8.54 -18.15
N PHE B 525 -2.48 9.35 -17.24
CA PHE B 525 -3.87 9.90 -17.32
C PHE B 525 -3.80 11.31 -17.91
N SER B 526 -4.72 11.65 -18.80
CA SER B 526 -4.94 13.03 -19.30
C SER B 526 -5.70 13.82 -18.24
N VAL B 527 -4.96 14.45 -17.33
CA VAL B 527 -5.50 15.21 -16.18
C VAL B 527 -6.37 16.37 -16.71
N GLU B 528 -5.91 17.06 -17.76
CA GLU B 528 -6.68 18.13 -18.46
C GLU B 528 -8.04 17.59 -18.91
N ASN B 529 -8.19 16.30 -19.21
CA ASN B 529 -9.46 15.68 -19.66
C ASN B 529 -10.21 15.00 -18.49
N VAL B 530 -9.52 14.52 -17.45
CA VAL B 530 -10.18 13.84 -16.31
C VAL B 530 -10.92 14.89 -15.45
N MET B 531 -10.30 16.04 -15.15
CA MET B 531 -10.89 17.07 -14.26
C MET B 531 -12.27 17.48 -14.79
N PRO B 532 -12.40 17.99 -16.04
CA PRO B 532 -13.72 18.40 -16.55
C PRO B 532 -14.72 17.24 -16.57
N TYR B 533 -14.24 16.03 -16.80
CA TYR B 533 -15.08 14.82 -16.74
C TYR B 533 -15.63 14.66 -15.31
N MET B 534 -14.79 14.78 -14.26
CA MET B 534 -15.22 14.45 -12.87
C MET B 534 -16.27 15.46 -12.40
N ARG B 535 -16.17 16.72 -12.84
CA ARG B 535 -17.14 17.78 -12.50
C ARG B 535 -18.54 17.46 -13.06
N LYS B 536 -18.68 16.52 -14.00
CA LYS B 536 -20.00 16.02 -14.49
C LYS B 536 -19.79 14.78 -15.35
N PRO B 537 -19.64 13.58 -14.75
CA PRO B 537 -19.21 12.39 -15.47
C PRO B 537 -20.12 11.91 -16.63
N LEU B 538 -21.43 11.98 -16.44
CA LEU B 538 -22.44 11.50 -17.44
C LEU B 538 -23.18 12.71 -18.02
N THR B 539 -23.29 12.78 -19.36
CA THR B 539 -23.87 13.92 -20.10
C THR B 539 -25.36 14.10 -19.73
N ASP B 540 -26.06 13.02 -19.35
CA ASP B 540 -27.54 13.04 -19.14
C ASP B 540 -27.89 13.05 -17.65
N GLU B 541 -26.91 13.23 -16.75
CA GLU B 541 -27.16 13.24 -15.28
C GLU B 541 -26.62 14.53 -14.63
N GLN B 542 -27.38 15.09 -13.69
CA GLN B 542 -26.99 16.28 -12.90
C GLN B 542 -26.31 15.81 -11.61
N ILE B 543 -25.18 15.12 -11.79
CA ILE B 543 -24.32 14.56 -10.72
C ILE B 543 -22.89 15.02 -11.02
N HIS B 544 -22.27 15.62 -10.01
CA HIS B 544 -20.98 16.34 -10.07
C HIS B 544 -20.11 15.84 -8.95
N ILE B 545 -18.81 15.73 -9.19
CA ILE B 545 -17.79 15.46 -8.14
C ILE B 545 -16.91 16.70 -8.04
N CYS B 546 -16.64 17.15 -6.82
CA CYS B 546 -15.72 18.28 -6.55
C CYS B 546 -14.98 17.98 -5.26
N GLY B 547 -13.98 18.81 -4.95
CA GLY B 547 -13.09 18.61 -3.80
C GLY B 547 -11.64 18.54 -4.26
N GLU B 548 -10.73 18.32 -3.30
CA GLU B 548 -9.26 18.33 -3.53
C GLU B 548 -8.81 17.15 -4.40
N ALA B 549 -9.44 15.97 -4.27
CA ALA B 549 -8.94 14.68 -4.79
C ALA B 549 -8.66 14.76 -6.29
N TYR B 550 -9.58 15.31 -7.10
CA TYR B 550 -9.42 15.38 -8.58
C TYR B 550 -9.22 16.84 -9.01
N SER B 551 -8.56 17.65 -8.17
CA SER B 551 -8.10 19.03 -8.47
C SER B 551 -6.70 18.98 -9.08
N ASP B 552 -6.21 20.10 -9.62
CA ASP B 552 -4.79 20.20 -10.05
C ASP B 552 -4.01 20.98 -9.00
N GLN B 553 -4.59 21.17 -7.81
CA GLN B 553 -3.83 21.68 -6.63
C GLN B 553 -4.08 20.72 -5.46
N GLN B 554 -3.74 19.46 -5.69
CA GLN B 554 -3.90 18.38 -4.69
C GLN B 554 -3.10 18.78 -3.45
N GLY B 555 -3.61 18.42 -2.28
CA GLY B 555 -2.99 18.67 -0.97
C GLY B 555 -3.34 20.03 -0.44
N TRP B 556 -4.28 20.75 -1.08
CA TRP B 556 -4.60 22.16 -0.73
C TRP B 556 -6.11 22.41 -0.72
N VAL B 557 -6.53 23.29 0.18
CA VAL B 557 -7.93 23.81 0.17
C VAL B 557 -8.19 24.47 -1.18
N GLU B 558 -7.23 25.21 -1.72
CA GLU B 558 -7.42 25.91 -3.02
C GLU B 558 -7.90 24.93 -4.09
N GLY B 559 -7.36 23.72 -4.10
CA GLY B 559 -7.79 22.72 -5.08
C GLY B 559 -9.27 22.42 -4.95
N ALA B 560 -9.74 22.25 -3.72
CA ALA B 560 -11.15 21.93 -3.42
C ALA B 560 -12.02 23.13 -3.87
N PHE B 561 -11.66 24.35 -3.47
CA PHE B 561 -12.41 25.56 -3.87
C PHE B 561 -12.44 25.69 -5.41
N CYS B 562 -11.31 25.44 -6.10
CA CYS B 562 -11.17 25.72 -7.55
C CYS B 562 -12.07 24.74 -8.33
N GLU B 563 -12.07 23.45 -7.97
CA GLU B 563 -12.91 22.46 -8.69
C GLU B 563 -14.38 22.83 -8.48
N ALA B 564 -14.76 23.18 -7.26
CA ALA B 564 -16.15 23.59 -6.96
C ALA B 564 -16.49 24.81 -7.81
N GLU B 565 -15.59 25.79 -7.90
CA GLU B 565 -15.83 27.06 -8.65
C GLU B 565 -16.01 26.75 -10.13
N LYS B 566 -15.16 25.90 -10.71
CA LYS B 566 -15.31 25.50 -12.13
C LYS B 566 -16.67 24.83 -12.31
N MET B 567 -16.98 23.85 -11.45
CA MET B 567 -18.28 23.12 -11.47
C MET B 567 -19.41 24.16 -11.47
N LEU B 568 -19.33 25.17 -10.59
CA LEU B 568 -20.40 26.20 -10.44
C LEU B 568 -20.56 27.00 -11.74
N GLN B 569 -19.47 27.41 -12.39
CA GLN B 569 -19.56 28.26 -13.61
C GLN B 569 -20.00 27.39 -14.79
N GLU B 570 -19.54 26.16 -14.83
CA GLU B 570 -19.86 25.22 -15.92
C GLU B 570 -21.34 24.83 -15.89
N TYR B 571 -21.90 24.48 -14.73
CA TYR B 571 -23.19 23.73 -14.69
C TYR B 571 -24.24 24.45 -13.82
N PHE B 572 -23.89 25.43 -12.99
CA PHE B 572 -24.87 26.10 -12.09
C PHE B 572 -25.08 27.57 -12.48
N GLY B 573 -24.52 27.97 -13.64
CA GLY B 573 -24.81 29.25 -14.30
C GLY B 573 -24.28 30.44 -13.53
N LEU B 574 -23.28 30.22 -12.67
CA LEU B 574 -22.68 31.31 -11.87
C LEU B 574 -21.59 32.00 -12.69
N ASP B 575 -21.50 33.32 -12.48
CA ASP B 575 -20.39 34.19 -12.91
C ASP B 575 -19.26 34.07 -11.88
N ARG B 576 -18.02 34.28 -12.31
CA ARG B 576 -16.86 34.53 -11.42
C ARG B 576 -17.37 35.41 -10.28
N PRO B 577 -17.01 35.11 -9.02
CA PRO B 577 -17.28 36.06 -7.94
C PRO B 577 -16.66 37.44 -8.23
N TYR B 578 -17.38 38.50 -7.85
CA TYR B 578 -16.91 39.91 -7.97
C TYR B 578 -15.62 40.07 -7.15
N TRP B 579 -15.45 39.35 -6.03
CA TRP B 579 -14.23 39.45 -5.17
C TRP B 579 -13.04 38.69 -5.78
N LEU B 580 -13.23 37.94 -6.85
CA LEU B 580 -12.12 37.15 -7.46
C LEU B 580 -11.65 37.80 -8.76
N SER B 581 -10.37 38.20 -8.81
CA SER B 581 -9.70 38.82 -9.99
C SER B 581 -10.01 38.02 -11.25
N PRO B 582 -10.54 38.64 -12.32
CA PRO B 582 -10.63 37.97 -13.61
C PRO B 582 -9.32 37.32 -14.12
N ASP B 583 -8.16 37.69 -13.57
CA ASP B 583 -6.83 37.24 -14.09
C ASP B 583 -6.30 36.03 -13.29
N TYR B 584 -6.99 35.59 -12.23
CA TYR B 584 -6.65 34.34 -11.52
C TYR B 584 -7.05 33.16 -12.41
N TYR B 585 -6.07 32.35 -12.80
CA TYR B 585 -6.24 31.34 -13.85
C TYR B 585 -6.89 30.13 -13.23
N LEU B 586 -7.98 29.66 -13.83
CA LEU B 586 -8.83 28.61 -13.22
C LEU B 586 -8.66 27.30 -14.01
N GLY B 587 -8.85 27.31 -15.33
CA GLY B 587 -8.77 26.10 -16.16
C GLY B 587 -9.36 26.33 -17.53
N TRP B 588 -9.60 25.27 -18.31
CA TRP B 588 -10.13 25.41 -19.70
C TRP B 588 -11.62 25.81 -19.66
N GLU B 589 -12.44 25.19 -18.80
CA GLU B 589 -13.92 25.41 -18.74
C GLU B 589 -14.61 24.67 -19.89
#